data_8GBJ
#
_entry.id   8GBJ
#
_cell.length_a   1.00
_cell.length_b   1.00
_cell.length_c   1.00
_cell.angle_alpha   90.00
_cell.angle_beta   90.00
_cell.angle_gamma   90.00
#
_symmetry.space_group_name_H-M   'P 1'
#
loop_
_entity.id
_entity.type
_entity.pdbx_description
1 polymer 'DNA repair protein RAD51 homolog 2'
2 polymer 'DNA repair protein RAD51 homolog 3'
3 polymer 'DNA repair protein RAD51 homolog 4'
4 polymer 'DNA repair protein XRCC2'
5 polymer "DNA (5'-D(P*CP*CP*CP*CP*CP*C)-3')"
6 non-polymer 'PHOSPHOAMINOPHOSPHONIC ACID-ADENYLATE ESTER'
#
loop_
_entity_poly.entity_id
_entity_poly.type
_entity_poly.pdbx_seq_one_letter_code
_entity_poly.pdbx_strand_id
1 'polypeptide(L)'
;MGSKKLKRVGLSQELCDRLSRHQILTCQDFLCLSPLELMKVTGLSYRGVHELLCMVSRACAPKMQTAYGIKAQRSADFSP
AFLSTTLSALDEALHGGVACGSLTEITGPPGCGKTQFCIMMSILATLPTNMGGLEGAVVYIDTESAFSAERLVEIAESRF
PRYFNTEEKLLLTSSKVHLYRELTCDEVLQRIESLEEEIISKGIKLVILDSVASVVRKEFDAQLQGNLKERNKFLAREAS
SLKYLAEEFSIPVILTNQITTHLSGALASQADLVSPADDLSLSEGTSGSSCVIAALGNTWSHSVNTRLILQYLDSERRQI
LIAKSPLAPFTSFVYTIKEEGLVLQAYGNSHHHHHH
;
B
2 'polypeptide(L)'
;MRGKTFRFEMQRDLVSFPLSPAVRVKLVSAGFQTAEELLEVKPSELSKEVGISKAEALETLQIIRRECLTNKPRYAGTSE
SHKKCTALELLEQEHTQGFIITFCSALDDILGGGVPLMKTTEICGAPGVGKTQLCMQLAVDVQIPECFGGVAGEAVFIDT
EGSFMVDRVVDLATACIQHLQLIAEKHKGEEHRKALEDFTLDNILSHIYYFRCRDYTELLAQVYLLPDFLSEHSKVRLVI
VDGIAFPFRHDLDDLSLRTRLLNGLAQQMISLANNHRLAVILTNQMTTKIDRNQALLVPALGESWGHAATIRLIFHWDRK
QRLATLYKSPSQKECTVLFQIKPQGFRDTVVTSACSLQTEGSLSTRKRSRDPEEEL
;
C
3 'polypeptide(L)'
;MGVLRVGLCPGLTEEMIQLLRSHRIKTVVDLVSADLEEVAQKCGLSYKALVALRRVLLAQFSAFPVNGADLYEELKTSTA
ILSTGIGSLDKLLDAGLYTGEVTEIVGGPGSGKTQVCLCMAANVAHGLQQNVLYVDSNGGLTASRLLQLLQAKTQDEEEQ
AEALRRIQVVHAFDIFQMLDVLQELRGTVAQQVTGSSGTVKVVVVDSVTAVVSPLLGGQQREGLALMMQLARELKTLARD
LGMAVVVTNHITRDRDSGRLKPALGRSWSFVPSTRILLDTIEGAGASGGRRMACLAKSSRQPTGFQEMVDIGTWGTSEQS
ATLQGDQT
;
D
4 'polypeptide(L)'
;MCSAFHRAESGTELLARLEGRSSLKEIEPNLFADEDSPVHGDILEFHGPEGTGKTEMLYHLTARCILPKSEGGLEVEVLF
IDTDYHFDMLRLVTILEHRLSQSSEEIIKYCLGRFFLVYCSSSTHLLLTLYSLESMFCSHPSLCLLILDSLSAFYWIDRV
NGGESVNLQESTLRKCSQCLEKLVNDYRLVLFATTQTIMQKASSSSEEPSHASRRLCDVDIDYRPYLCKAWQQLVKHRMF
FSKQDDSQSSNQFSLVSRCLKSNSLKKHFFIIGESGVEFCDYKDDDDK
;
X
5 'polydeoxyribonucleotide'
;(DC)(DC)(DC)(DC)(DC)(DC)(DC)(DC)(DC)(DC)(DC)(DC)(DC)(DC)(DC)(DC)(DC)(DC)(DC)(DC)
(DC)(DC)(DC)(DC)(DC)(DC)(DC)(DC)(DC)(DC)
;
G
#
loop_
_chem_comp.id
_chem_comp.type
_chem_comp.name
_chem_comp.formula
ANP non-polymer 'PHOSPHOAMINOPHOSPHONIC ACID-ADENYLATE ESTER' 'C10 H17 N6 O12 P3'
DC DNA linking 2'-DEOXYCYTIDINE-5'-MONOPHOSPHATE 'C9 H14 N3 O7 P'
#
# COMPACT_ATOMS: atom_id res chain seq x y z
N SER A 3 -2.84 17.78 -29.44
CA SER A 3 -3.16 18.86 -28.52
C SER A 3 -2.09 19.95 -28.58
N LYS A 4 -1.76 20.51 -27.42
CA LYS A 4 -0.80 21.61 -27.32
C LYS A 4 0.57 21.06 -27.00
N LYS A 5 1.55 21.42 -27.82
CA LYS A 5 2.92 20.96 -27.62
C LYS A 5 3.58 21.66 -26.44
N LEU A 6 4.44 20.94 -25.73
CA LEU A 6 5.08 21.47 -24.54
C LEU A 6 6.08 22.58 -24.82
N LYS A 7 6.46 22.80 -26.08
CA LYS A 7 7.36 23.90 -26.37
C LYS A 7 6.73 25.25 -26.02
N ARG A 8 5.44 25.40 -26.32
CA ARG A 8 4.74 26.65 -26.07
C ARG A 8 3.96 26.67 -24.75
N VAL A 9 4.01 25.58 -23.98
CA VAL A 9 3.37 25.58 -22.67
C VAL A 9 4.13 26.47 -21.69
N GLY A 10 5.45 26.45 -21.76
CA GLY A 10 6.27 27.19 -20.81
C GLY A 10 7.39 26.34 -20.27
N LEU A 11 7.55 25.15 -20.87
CA LEU A 11 8.57 24.22 -20.45
C LEU A 11 9.97 24.75 -20.78
N SER A 12 10.92 24.44 -19.91
CA SER A 12 12.30 24.85 -20.16
C SER A 12 12.91 24.00 -21.26
N GLN A 13 13.87 24.60 -21.98
CA GLN A 13 14.40 23.98 -23.20
C GLN A 13 15.08 22.65 -22.90
N GLU A 14 15.88 22.59 -21.82
CA GLU A 14 16.52 21.33 -21.46
C GLU A 14 15.47 20.28 -21.12
N LEU A 15 14.41 20.67 -20.41
CA LEU A 15 13.36 19.73 -20.06
C LEU A 15 12.54 19.35 -21.29
N CYS A 16 12.35 20.30 -22.22
CA CYS A 16 11.72 19.95 -23.49
C CYS A 16 12.52 18.88 -24.22
N ASP A 17 13.84 19.03 -24.26
CA ASP A 17 14.68 18.03 -24.92
C ASP A 17 14.60 16.69 -24.21
N ARG A 18 14.62 16.70 -22.87
CA ARG A 18 14.50 15.45 -22.13
C ARG A 18 13.18 14.75 -22.43
N LEU A 19 12.09 15.51 -22.48
CA LEU A 19 10.79 14.92 -22.77
C LEU A 19 10.72 14.41 -24.21
N SER A 20 11.29 15.16 -25.16
CA SER A 20 11.27 14.72 -26.55
C SER A 20 12.11 13.47 -26.75
N ARG A 21 13.16 13.30 -25.95
CA ARG A 21 13.96 12.08 -26.06
C ARG A 21 13.15 10.84 -25.71
N HIS A 22 12.10 10.99 -24.90
CA HIS A 22 11.21 9.90 -24.55
C HIS A 22 9.88 9.96 -25.31
N GLN A 23 9.85 10.68 -26.44
CA GLN A 23 8.66 10.78 -27.28
C GLN A 23 7.49 11.39 -26.53
N ILE A 24 7.76 12.52 -25.86
CA ILE A 24 6.74 13.27 -25.12
C ILE A 24 6.67 14.65 -25.78
N LEU A 25 5.53 14.95 -26.40
CA LEU A 25 5.45 16.18 -27.17
C LEU A 25 4.24 17.04 -26.83
N THR A 26 3.10 16.43 -26.53
CA THR A 26 1.85 17.15 -26.35
C THR A 26 1.35 17.01 -24.91
N CYS A 27 0.30 17.76 -24.57
CA CYS A 27 -0.33 17.63 -23.25
C CYS A 27 -0.84 16.22 -23.00
N GLN A 28 -1.37 15.56 -24.03
CA GLN A 28 -1.84 14.19 -23.86
C GLN A 28 -0.67 13.29 -23.47
N ASP A 29 0.48 13.47 -24.11
CA ASP A 29 1.64 12.65 -23.81
C ASP A 29 2.15 12.89 -22.39
N PHE A 30 1.89 14.08 -21.84
CA PHE A 30 2.40 14.41 -20.52
C PHE A 30 1.45 14.00 -19.42
N LEU A 31 0.17 14.35 -19.56
CA LEU A 31 -0.79 14.08 -18.48
C LEU A 31 -1.13 12.60 -18.38
N CYS A 32 -1.09 11.87 -19.50
CA CYS A 32 -1.45 10.45 -19.49
C CYS A 32 -0.48 9.61 -18.67
N LEU A 33 0.72 10.10 -18.39
CA LEU A 33 1.66 9.34 -17.58
C LEU A 33 1.47 9.68 -16.11
N SER A 34 1.73 8.69 -15.26
CA SER A 34 1.67 8.92 -13.82
C SER A 34 2.76 9.90 -13.43
N PRO A 35 2.57 10.64 -12.32
CA PRO A 35 3.63 11.55 -11.86
C PRO A 35 4.92 10.83 -11.53
N LEU A 36 4.87 9.52 -11.27
CA LEU A 36 6.10 8.77 -11.01
C LEU A 36 6.87 8.50 -12.30
N GLU A 37 6.14 8.21 -13.38
CA GLU A 37 6.78 8.11 -14.69
C GLU A 37 7.39 9.43 -15.10
N LEU A 38 6.68 10.54 -14.85
CA LEU A 38 7.24 11.86 -15.13
C LEU A 38 8.45 12.13 -14.25
N MET A 39 8.44 11.65 -13.01
CA MET A 39 9.61 11.75 -12.15
C MET A 39 10.79 11.03 -12.77
N LYS A 40 10.56 9.84 -13.32
CA LYS A 40 11.63 9.10 -13.96
C LYS A 40 12.15 9.83 -15.21
N VAL A 41 11.25 10.25 -16.08
CA VAL A 41 11.66 10.81 -17.37
C VAL A 41 12.25 12.20 -17.21
N THR A 42 11.64 13.04 -16.38
CA THR A 42 12.06 14.42 -16.24
C THR A 42 13.06 14.65 -15.10
N GLY A 43 13.43 13.61 -14.37
CA GLY A 43 14.04 13.87 -13.08
C GLY A 43 13.04 14.59 -12.21
N LEU A 44 13.52 15.51 -11.39
CA LEU A 44 12.70 16.32 -10.50
C LEU A 44 11.97 15.46 -9.47
N SER A 45 11.40 16.10 -8.47
CA SER A 45 10.74 15.41 -7.38
C SER A 45 9.23 15.32 -7.62
N TYR A 46 8.57 14.51 -6.80
CA TYR A 46 7.12 14.44 -6.82
C TYR A 46 6.51 15.80 -6.48
N ARG A 47 7.05 16.46 -5.45
CA ARG A 47 6.72 17.86 -5.22
C ARG A 47 7.13 18.72 -6.40
N GLY A 48 8.28 18.42 -7.01
CA GLY A 48 8.75 19.18 -8.15
C GLY A 48 8.07 18.83 -9.46
N VAL A 49 7.37 17.70 -9.52
CA VAL A 49 6.66 17.34 -10.75
C VAL A 49 5.17 17.67 -10.66
N HIS A 50 4.60 17.75 -9.45
CA HIS A 50 3.25 18.32 -9.36
C HIS A 50 3.22 19.77 -9.75
N GLU A 51 4.27 20.53 -9.43
CA GLU A 51 4.35 21.91 -9.90
C GLU A 51 4.37 21.95 -11.41
N LEU A 52 5.10 21.03 -12.04
CA LEU A 52 5.17 21.01 -13.50
C LEU A 52 3.87 20.52 -14.13
N LEU A 53 3.21 19.56 -13.48
CA LEU A 53 1.91 19.09 -13.96
C LEU A 53 0.87 20.18 -13.87
N CYS A 54 0.87 20.96 -12.78
CA CYS A 54 0.00 22.12 -12.70
C CYS A 54 0.37 23.15 -13.77
N MET A 55 1.66 23.32 -14.04
CA MET A 55 2.09 24.26 -15.07
C MET A 55 1.56 23.87 -16.44
N VAL A 56 1.68 22.60 -16.81
CA VAL A 56 1.20 22.16 -18.12
C VAL A 56 -0.33 22.18 -18.16
N SER A 57 -0.98 21.80 -17.07
CA SER A 57 -2.44 21.82 -17.02
C SER A 57 -2.97 23.23 -17.19
N ARG A 58 -2.38 24.21 -16.50
CA ARG A 58 -2.83 25.58 -16.61
C ARG A 58 -2.84 26.06 -18.05
N ALA A 59 -1.89 25.59 -18.86
CA ALA A 59 -1.91 25.88 -20.29
C ALA A 59 -2.93 25.05 -21.05
N CYS A 60 -3.20 23.82 -20.61
CA CYS A 60 -4.19 23.00 -21.30
C CYS A 60 -5.23 22.39 -20.36
N ALA A 61 -5.85 23.22 -19.52
CA ALA A 61 -7.01 22.88 -18.72
C ALA A 61 -8.14 23.85 -19.04
N PRO A 62 -9.39 23.45 -18.80
CA PRO A 62 -10.51 24.36 -19.07
C PRO A 62 -10.45 25.60 -18.19
N LYS A 63 -10.95 26.71 -18.73
CA LYS A 63 -11.06 27.93 -17.94
C LYS A 63 -12.31 27.88 -17.09
N MET A 64 -12.21 28.35 -15.85
CA MET A 64 -13.33 28.35 -14.94
C MET A 64 -14.45 29.23 -15.47
N GLN A 65 -15.68 28.73 -15.40
CA GLN A 65 -16.85 29.40 -15.94
C GLN A 65 -18.00 29.25 -14.96
N THR A 66 -18.26 30.30 -14.19
CA THR A 66 -19.36 30.27 -13.24
C THR A 66 -20.69 30.15 -13.96
N ALA A 67 -21.64 29.43 -13.34
CA ALA A 67 -22.95 29.25 -13.96
C ALA A 67 -23.66 30.57 -14.22
N TYR A 68 -23.43 31.56 -13.37
CA TYR A 68 -23.91 32.90 -13.66
C TYR A 68 -23.32 33.44 -14.96
N GLY A 69 -22.09 33.02 -15.28
CA GLY A 69 -21.52 33.38 -16.57
C GLY A 69 -22.30 32.81 -17.74
N ILE A 70 -22.72 31.54 -17.63
CA ILE A 70 -23.54 30.95 -18.67
C ILE A 70 -24.90 31.65 -18.74
N LYS A 71 -25.45 32.02 -17.59
CA LYS A 71 -26.70 32.77 -17.58
C LYS A 71 -26.56 34.09 -18.32
N ALA A 72 -25.47 34.82 -18.07
CA ALA A 72 -25.25 36.09 -18.75
C ALA A 72 -25.02 35.88 -20.25
N GLN A 73 -24.26 34.85 -20.62
CA GLN A 73 -23.95 34.61 -22.02
C GLN A 73 -25.19 34.21 -22.81
N ARG A 74 -26.04 33.37 -22.24
CA ARG A 74 -27.23 32.93 -22.96
C ARG A 74 -28.27 34.03 -23.10
N SER A 75 -28.15 35.10 -22.33
CA SER A 75 -29.08 36.22 -22.42
C SER A 75 -28.43 37.44 -23.06
N GLU B 9 16.81 3.18 16.71
CA GLU B 9 16.36 4.39 16.05
C GLU B 9 15.95 4.11 14.61
N MET B 10 14.79 4.61 14.20
CA MET B 10 14.24 4.27 12.90
C MET B 10 15.06 4.91 11.78
N GLN B 11 15.04 4.25 10.62
CA GLN B 11 15.74 4.73 9.44
C GLN B 11 14.76 4.75 8.27
N ARG B 12 14.61 5.91 7.65
CA ARG B 12 13.68 6.09 6.53
C ARG B 12 14.46 6.00 5.22
N ASP B 13 14.11 5.03 4.39
CA ASP B 13 14.81 4.83 3.14
C ASP B 13 14.48 5.93 2.14
N LEU B 14 15.47 6.31 1.34
CA LEU B 14 15.27 7.36 0.34
C LEU B 14 14.29 6.94 -0.74
N VAL B 15 14.14 5.63 -0.98
CA VAL B 15 13.16 5.19 -1.96
C VAL B 15 11.76 5.57 -1.50
N SER B 16 11.55 5.71 -0.18
CA SER B 16 10.23 6.07 0.33
C SER B 16 9.95 7.56 0.10
N PHE B 17 10.97 8.40 0.20
CA PHE B 17 10.76 9.83 0.00
C PHE B 17 10.55 10.14 -1.47
N PRO B 18 9.79 11.19 -1.77
CA PRO B 18 9.52 11.57 -3.16
C PRO B 18 10.68 12.32 -3.81
N LEU B 19 11.90 11.83 -3.60
CA LEU B 19 13.06 12.43 -4.21
C LEU B 19 13.09 12.14 -5.69
N SER B 20 13.87 12.92 -6.43
CA SER B 20 14.03 12.67 -7.85
C SER B 20 14.68 11.31 -8.06
N PRO B 21 14.22 10.52 -9.03
CA PRO B 21 14.86 9.22 -9.26
C PRO B 21 16.35 9.34 -9.55
N ALA B 22 16.75 10.31 -10.36
CA ALA B 22 18.17 10.53 -10.61
C ALA B 22 18.88 10.99 -9.34
N VAL B 23 18.23 11.88 -8.58
CA VAL B 23 18.82 12.36 -7.33
C VAL B 23 18.91 11.22 -6.32
N ARG B 24 17.89 10.38 -6.24
CA ARG B 24 17.95 9.24 -5.32
C ARG B 24 19.06 8.27 -5.73
N VAL B 25 19.20 8.02 -7.04
CA VAL B 25 20.25 7.13 -7.52
C VAL B 25 21.62 7.70 -7.16
N LYS B 26 21.81 8.99 -7.36
CA LYS B 26 23.10 9.61 -7.04
C LYS B 26 23.35 9.65 -5.54
N LEU B 27 22.29 9.80 -4.73
CA LEU B 27 22.46 9.86 -3.29
C LEU B 27 22.82 8.49 -2.72
N VAL B 28 22.22 7.42 -3.26
CA VAL B 28 22.54 6.09 -2.76
C VAL B 28 23.85 5.58 -3.35
N SER B 29 24.20 6.02 -4.57
CA SER B 29 25.53 5.71 -5.08
C SER B 29 26.60 6.39 -4.24
N ALA B 30 26.37 7.64 -3.84
CA ALA B 30 27.22 8.27 -2.85
C ALA B 30 27.15 7.57 -1.50
N GLY B 31 26.08 6.83 -1.23
CA GLY B 31 25.98 5.98 -0.06
C GLY B 31 24.92 6.37 0.92
N PHE B 32 24.00 7.26 0.55
CA PHE B 32 22.91 7.63 1.45
C PHE B 32 21.74 6.68 1.24
N GLN B 33 21.68 5.62 2.05
CA GLN B 33 20.55 4.69 2.02
C GLN B 33 19.36 5.16 2.84
N THR B 34 19.60 5.84 3.95
CA THR B 34 18.53 6.32 4.82
C THR B 34 18.63 7.83 4.95
N ALA B 35 17.47 8.49 5.02
CA ALA B 35 17.44 9.96 5.06
C ALA B 35 18.03 10.53 6.32
N GLU B 36 18.06 9.76 7.42
CA GLU B 36 18.64 10.26 8.67
C GLU B 36 20.07 10.71 8.51
N GLU B 37 20.80 10.15 7.55
CA GLU B 37 22.19 10.50 7.31
C GLU B 37 22.37 11.76 6.48
N LEU B 38 21.30 12.51 6.23
CA LEU B 38 21.38 13.74 5.45
C LEU B 38 20.83 14.96 6.16
N LEU B 39 20.19 14.79 7.33
CA LEU B 39 19.61 15.95 8.01
C LEU B 39 20.68 16.95 8.41
N GLU B 40 21.80 16.46 8.93
CA GLU B 40 22.90 17.32 9.35
C GLU B 40 23.87 17.64 8.22
N VAL B 41 23.61 17.15 7.01
CA VAL B 41 24.46 17.46 5.86
C VAL B 41 24.06 18.80 5.28
N LYS B 42 25.04 19.70 5.14
CA LYS B 42 24.78 20.99 4.53
C LYS B 42 24.50 20.83 3.04
N PRO B 43 23.67 21.70 2.46
CA PRO B 43 23.40 21.58 1.01
C PRO B 43 24.63 21.67 0.15
N SER B 44 25.59 22.54 0.49
CA SER B 44 26.81 22.64 -0.28
C SER B 44 27.62 21.34 -0.18
N GLU B 45 27.73 20.78 1.03
CA GLU B 45 28.42 19.51 1.18
C GLU B 45 27.71 18.41 0.39
N LEU B 46 26.37 18.39 0.43
CA LEU B 46 25.63 17.37 -0.30
C LEU B 46 25.87 17.48 -1.79
N SER B 47 25.86 18.70 -2.33
CA SER B 47 26.08 18.85 -3.77
C SER B 47 27.52 18.54 -4.16
N LYS B 48 28.48 18.88 -3.30
CA LYS B 48 29.88 18.61 -3.63
C LYS B 48 30.19 17.12 -3.53
N GLU B 49 29.54 16.39 -2.63
CA GLU B 49 29.80 14.96 -2.49
C GLU B 49 29.01 14.16 -3.53
N VAL B 50 27.70 14.34 -3.57
CA VAL B 50 26.87 13.55 -4.48
C VAL B 50 27.13 13.95 -5.93
N GLY B 51 27.11 15.25 -6.21
CA GLY B 51 27.22 15.73 -7.58
C GLY B 51 25.95 16.28 -8.18
N ILE B 52 24.90 16.46 -7.39
CA ILE B 52 23.67 17.06 -7.88
C ILE B 52 23.77 18.58 -7.76
N SER B 53 22.89 19.27 -8.47
CA SER B 53 22.92 20.72 -8.52
C SER B 53 22.50 21.32 -7.18
N LYS B 54 22.69 22.64 -7.07
CA LYS B 54 22.32 23.34 -5.84
C LYS B 54 20.82 23.29 -5.58
N ALA B 55 20.02 23.54 -6.62
CA ALA B 55 18.57 23.49 -6.45
C ALA B 55 18.11 22.10 -6.06
N GLU B 56 18.69 21.06 -6.68
CA GLU B 56 18.32 19.70 -6.33
C GLU B 56 18.72 19.37 -4.90
N ALA B 57 19.89 19.86 -4.46
CA ALA B 57 20.31 19.62 -3.08
C ALA B 57 19.36 20.27 -2.09
N LEU B 58 18.99 21.52 -2.35
CA LEU B 58 18.03 22.20 -1.47
C LEU B 58 16.70 21.47 -1.46
N GLU B 59 16.21 21.05 -2.63
CA GLU B 59 14.93 20.38 -2.72
C GLU B 59 14.94 19.05 -1.99
N THR B 60 16.00 18.26 -2.16
CA THR B 60 16.05 16.96 -1.49
C THR B 60 16.19 17.12 0.02
N LEU B 61 16.93 18.14 0.47
CA LEU B 61 17.00 18.37 1.91
C LEU B 61 15.64 18.79 2.46
N GLN B 62 14.92 19.64 1.74
CA GLN B 62 13.57 20.01 2.14
C GLN B 62 12.68 18.78 2.24
N ILE B 63 12.73 17.92 1.22
CA ILE B 63 11.85 16.76 1.18
C ILE B 63 12.15 15.81 2.33
N ILE B 64 13.43 15.54 2.57
CA ILE B 64 13.76 14.60 3.64
C ILE B 64 13.40 15.18 5.00
N ARG B 65 13.53 16.49 5.19
CA ARG B 65 13.20 17.07 6.49
C ARG B 65 11.72 17.40 6.65
N ARG B 66 10.93 17.30 5.59
CA ARG B 66 9.49 17.54 5.73
C ARG B 66 8.83 16.44 6.54
N GLU B 67 9.10 15.18 6.20
CA GLU B 67 8.46 14.05 6.86
C GLU B 67 9.05 13.82 8.25
N LYS B 83 -3.43 14.64 9.13
CA LYS B 83 -3.88 14.93 10.48
C LYS B 83 -4.30 13.66 11.22
N LYS B 84 -3.82 13.51 12.44
CA LYS B 84 -4.08 12.32 13.25
C LYS B 84 -5.35 12.47 14.10
N CYS B 85 -6.44 12.85 13.45
CA CYS B 85 -7.71 13.01 14.16
C CYS B 85 -8.26 11.64 14.53
N THR B 86 -8.65 11.48 15.80
CA THR B 86 -9.24 10.23 16.25
C THR B 86 -10.62 10.05 15.60
N ALA B 87 -11.12 8.82 15.69
CA ALA B 87 -12.42 8.53 15.12
C ALA B 87 -13.54 9.28 15.83
N LEU B 88 -13.34 9.65 17.09
CA LEU B 88 -14.32 10.48 17.78
C LEU B 88 -14.38 11.87 17.17
N GLU B 89 -13.21 12.49 16.94
CA GLU B 89 -13.15 13.77 16.26
C GLU B 89 -13.70 13.66 14.84
N LEU B 90 -13.44 12.53 14.18
CA LEU B 90 -13.98 12.31 12.85
C LEU B 90 -15.50 12.26 12.88
N LEU B 91 -16.07 11.62 13.90
CA LEU B 91 -17.52 11.58 14.03
C LEU B 91 -18.09 12.97 14.29
N GLU B 92 -17.41 13.76 15.15
CA GLU B 92 -17.86 15.12 15.38
C GLU B 92 -17.78 15.96 14.10
N GLN B 93 -16.73 15.77 13.31
CA GLN B 93 -16.64 16.45 12.02
C GLN B 93 -17.79 16.05 11.11
N GLU B 94 -18.08 14.74 11.06
CA GLU B 94 -19.17 14.25 10.21
C GLU B 94 -20.50 14.83 10.64
N HIS B 95 -20.69 15.02 11.95
CA HIS B 95 -21.92 15.63 12.44
C HIS B 95 -21.98 17.12 12.09
N THR B 96 -20.89 17.85 12.33
CA THR B 96 -20.86 19.28 12.00
C THR B 96 -20.86 19.49 10.49
N GLN B 97 -19.97 18.80 9.77
CA GLN B 97 -19.97 18.89 8.32
C GLN B 97 -21.17 18.13 7.79
N GLY B 98 -22.29 18.83 7.62
CA GLY B 98 -23.52 18.17 7.27
C GLY B 98 -23.45 17.51 5.91
N PHE B 99 -24.29 16.49 5.74
CA PHE B 99 -24.41 15.85 4.45
C PHE B 99 -25.15 16.76 3.48
N ILE B 100 -24.77 16.68 2.20
CA ILE B 100 -25.48 17.41 1.16
C ILE B 100 -26.83 16.73 0.97
N ILE B 101 -27.90 17.37 1.45
CA ILE B 101 -29.23 16.78 1.35
C ILE B 101 -29.60 16.64 -0.12
N THR B 102 -30.17 15.48 -0.46
CA THR B 102 -30.48 15.15 -1.84
C THR B 102 -31.90 15.54 -2.22
N PHE B 103 -32.70 15.99 -1.25
CA PHE B 103 -34.12 16.32 -1.37
C PHE B 103 -34.98 15.11 -1.59
N CYS B 104 -34.40 13.91 -1.66
CA CYS B 104 -35.14 12.66 -1.69
C CYS B 104 -34.97 12.00 -0.33
N SER B 105 -36.08 11.83 0.39
CA SER B 105 -36.00 11.31 1.75
C SER B 105 -35.41 9.91 1.78
N ALA B 106 -35.75 9.10 0.78
CA ALA B 106 -35.25 7.72 0.74
C ALA B 106 -33.73 7.68 0.59
N LEU B 107 -33.18 8.41 -0.37
CA LEU B 107 -31.74 8.43 -0.54
C LEU B 107 -31.03 9.06 0.66
N ASP B 108 -31.62 10.11 1.23
CA ASP B 108 -31.03 10.68 2.44
C ASP B 108 -30.96 9.64 3.55
N ASP B 109 -32.03 8.85 3.72
CA ASP B 109 -32.00 7.80 4.72
C ASP B 109 -30.94 6.74 4.41
N ILE B 110 -30.82 6.36 3.13
CA ILE B 110 -29.88 5.29 2.79
C ILE B 110 -28.48 5.80 2.45
N LEU B 111 -28.31 7.11 2.30
CA LEU B 111 -26.98 7.71 2.23
C LEU B 111 -26.54 8.27 3.57
N GLY B 112 -27.31 8.04 4.63
CA GLY B 112 -27.02 8.59 5.93
C GLY B 112 -27.20 10.09 6.02
N GLY B 113 -28.28 10.62 5.43
CA GLY B 113 -28.58 12.03 5.50
C GLY B 113 -28.31 12.81 4.22
N GLY B 114 -27.85 12.14 3.16
CA GLY B 114 -27.52 12.77 1.90
C GLY B 114 -26.12 12.43 1.48
N VAL B 115 -25.65 13.08 0.42
CA VAL B 115 -24.32 12.85 -0.10
C VAL B 115 -23.31 13.30 0.96
N PRO B 116 -22.41 12.41 1.40
CA PRO B 116 -21.52 12.76 2.50
C PRO B 116 -20.34 13.59 2.06
N LEU B 117 -19.93 14.50 2.95
CA LEU B 117 -18.69 15.23 2.74
C LEU B 117 -17.50 14.33 3.04
N MET B 118 -16.36 14.70 2.49
CA MET B 118 -15.11 13.95 2.61
C MET B 118 -15.23 12.54 2.04
N LYS B 119 -16.15 12.33 1.12
CA LYS B 119 -16.39 11.03 0.50
C LYS B 119 -16.55 11.18 -1.00
N THR B 120 -16.35 10.08 -1.70
CA THR B 120 -16.53 10.00 -3.15
C THR B 120 -17.72 9.10 -3.43
N THR B 121 -18.79 9.70 -3.95
CA THR B 121 -19.97 8.98 -4.38
C THR B 121 -19.91 8.79 -5.89
N GLU B 122 -20.39 7.66 -6.38
CA GLU B 122 -20.41 7.37 -7.80
C GLU B 122 -21.85 7.02 -8.19
N ILE B 123 -22.45 7.87 -9.03
CA ILE B 123 -23.81 7.64 -9.53
C ILE B 123 -23.66 6.90 -10.86
N CYS B 124 -23.75 5.58 -10.80
CA CYS B 124 -23.72 4.75 -11.99
C CYS B 124 -25.12 4.59 -12.54
N GLY B 125 -25.22 4.40 -13.85
CA GLY B 125 -26.52 4.17 -14.44
C GLY B 125 -26.49 4.25 -15.95
N ALA B 126 -27.57 3.76 -16.54
CA ALA B 126 -27.73 3.80 -17.98
C ALA B 126 -27.98 5.24 -18.44
N PRO B 127 -27.80 5.53 -19.72
CA PRO B 127 -28.11 6.87 -20.21
C PRO B 127 -29.56 7.26 -19.96
N GLY B 128 -29.76 8.52 -19.61
CA GLY B 128 -31.09 9.05 -19.39
C GLY B 128 -31.82 8.51 -18.18
N VAL B 129 -31.15 8.30 -17.06
CA VAL B 129 -31.81 7.81 -15.86
C VAL B 129 -31.92 8.89 -14.78
N GLY B 130 -31.10 9.93 -14.84
CA GLY B 130 -31.20 11.01 -13.88
C GLY B 130 -29.94 11.28 -13.09
N LYS B 131 -28.77 10.97 -13.65
CA LYS B 131 -27.52 11.26 -12.96
C LYS B 131 -27.22 12.75 -12.99
N THR B 132 -27.38 13.38 -14.15
CA THR B 132 -27.11 14.81 -14.27
C THR B 132 -28.13 15.64 -13.50
N GLN B 133 -29.39 15.19 -13.45
CA GLN B 133 -30.37 15.86 -12.61
C GLN B 133 -29.94 15.83 -11.15
N LEU B 134 -29.42 14.68 -10.70
CA LEU B 134 -28.90 14.61 -9.34
C LEU B 134 -27.73 15.55 -9.14
N CYS B 135 -26.84 15.65 -10.13
CA CYS B 135 -25.71 16.55 -10.01
C CYS B 135 -26.16 17.99 -9.87
N MET B 136 -27.12 18.42 -10.71
CA MET B 136 -27.64 19.77 -10.58
C MET B 136 -28.33 19.98 -9.24
N GLN B 137 -29.09 18.98 -8.78
CA GLN B 137 -29.76 19.09 -7.49
C GLN B 137 -28.75 19.27 -6.36
N LEU B 138 -27.65 18.52 -6.40
CA LEU B 138 -26.64 18.67 -5.36
C LEU B 138 -25.93 20.01 -5.46
N ALA B 139 -25.66 20.47 -6.68
CA ALA B 139 -25.04 21.78 -6.85
C ALA B 139 -25.94 22.88 -6.29
N VAL B 140 -27.24 22.72 -6.41
CA VAL B 140 -28.17 23.67 -5.78
C VAL B 140 -28.16 23.52 -4.26
N ASP B 141 -28.19 22.27 -3.78
CA ASP B 141 -28.38 22.00 -2.36
C ASP B 141 -27.15 22.26 -1.51
N VAL B 142 -25.98 22.41 -2.13
CA VAL B 142 -24.81 22.77 -1.33
C VAL B 142 -24.91 24.21 -0.81
N GLN B 143 -25.45 25.12 -1.61
CA GLN B 143 -25.58 26.50 -1.16
C GLN B 143 -26.68 26.70 -0.13
N ILE B 144 -27.43 25.67 0.23
CA ILE B 144 -28.44 25.80 1.27
C ILE B 144 -27.78 26.18 2.59
N PRO B 145 -28.29 27.17 3.31
CA PRO B 145 -27.60 27.65 4.52
C PRO B 145 -27.55 26.58 5.61
N GLU B 146 -26.61 26.77 6.53
CA GLU B 146 -26.36 25.78 7.56
C GLU B 146 -27.57 25.59 8.48
N CYS B 147 -28.25 26.70 8.82
CA CYS B 147 -29.41 26.61 9.68
C CYS B 147 -30.58 25.88 9.03
N PHE B 148 -30.55 25.68 7.71
CA PHE B 148 -31.58 24.95 7.00
C PHE B 148 -31.20 23.49 6.77
N GLY B 149 -30.11 23.03 7.39
CA GLY B 149 -29.64 21.68 7.21
C GLY B 149 -28.59 21.50 6.12
N GLY B 150 -28.32 22.54 5.34
CA GLY B 150 -27.32 22.46 4.30
C GLY B 150 -25.92 22.71 4.82
N VAL B 151 -24.99 22.94 3.89
CA VAL B 151 -23.60 23.20 4.23
C VAL B 151 -23.17 24.62 3.89
N ALA B 152 -24.00 25.39 3.19
CA ALA B 152 -23.73 26.80 2.88
C ALA B 152 -22.38 26.96 2.17
N GLY B 153 -22.14 26.10 1.16
CA GLY B 153 -20.93 26.15 0.39
C GLY B 153 -21.21 26.28 -1.10
N GLU B 154 -20.15 26.54 -1.85
CA GLU B 154 -20.28 26.57 -3.30
C GLU B 154 -20.19 25.16 -3.87
N ALA B 155 -20.45 25.04 -5.17
CA ALA B 155 -20.33 23.79 -5.87
C ALA B 155 -19.39 23.96 -7.06
N VAL B 156 -18.63 22.90 -7.35
CA VAL B 156 -17.80 22.83 -8.54
C VAL B 156 -18.35 21.73 -9.43
N PHE B 157 -18.71 22.08 -10.65
CA PHE B 157 -19.26 21.15 -11.63
C PHE B 157 -18.19 20.93 -12.69
N ILE B 158 -17.93 19.67 -13.02
CA ILE B 158 -16.98 19.33 -14.08
C ILE B 158 -17.75 18.48 -15.08
N ASP B 159 -18.29 19.11 -16.11
CA ASP B 159 -19.17 18.43 -17.06
C ASP B 159 -18.35 17.97 -18.25
N THR B 160 -18.33 16.66 -18.48
CA THR B 160 -17.61 16.08 -19.60
C THR B 160 -18.52 15.63 -20.73
N GLU B 161 -19.80 15.44 -20.46
CA GLU B 161 -20.75 14.96 -21.47
C GLU B 161 -21.45 16.09 -22.20
N GLY B 162 -21.23 17.34 -21.81
CA GLY B 162 -21.93 18.45 -22.44
C GLY B 162 -23.42 18.46 -22.18
N SER B 163 -23.83 18.08 -20.97
CA SER B 163 -25.24 18.02 -20.63
C SER B 163 -25.64 18.93 -19.47
N PHE B 164 -24.71 19.73 -18.96
CA PHE B 164 -25.02 20.67 -17.88
C PHE B 164 -25.91 21.77 -18.44
N MET B 165 -27.20 21.66 -18.19
CA MET B 165 -28.17 22.63 -18.66
C MET B 165 -28.42 23.68 -17.59
N VAL B 166 -28.12 24.94 -17.91
CA VAL B 166 -28.27 26.02 -16.93
C VAL B 166 -29.73 26.29 -16.60
N ASP B 167 -30.64 26.13 -17.56
CA ASP B 167 -32.05 26.35 -17.26
C ASP B 167 -32.57 25.36 -16.23
N ARG B 168 -32.14 24.10 -16.32
CA ARG B 168 -32.59 23.09 -15.35
C ARG B 168 -32.09 23.41 -13.95
N VAL B 169 -30.81 23.80 -13.83
CA VAL B 169 -30.29 24.13 -12.51
C VAL B 169 -30.93 25.40 -11.98
N VAL B 170 -31.32 26.33 -12.87
CA VAL B 170 -32.04 27.52 -12.44
C VAL B 170 -33.41 27.13 -11.89
N ASP B 171 -34.12 26.23 -12.57
CA ASP B 171 -35.41 25.76 -12.08
C ASP B 171 -35.26 25.06 -10.74
N LEU B 172 -34.24 24.22 -10.60
CA LEU B 172 -33.99 23.55 -9.34
C LEU B 172 -33.68 24.53 -8.23
N ALA B 173 -32.92 25.58 -8.54
CA ALA B 173 -32.63 26.62 -7.55
C ALA B 173 -33.89 27.35 -7.14
N THR B 174 -34.77 27.66 -8.09
CA THR B 174 -36.04 28.29 -7.74
C THR B 174 -36.86 27.40 -6.82
N ALA B 175 -36.97 26.11 -7.15
CA ALA B 175 -37.74 25.20 -6.32
C ALA B 175 -37.15 25.08 -4.92
N CYS B 176 -35.82 25.01 -4.83
CA CYS B 176 -35.16 24.95 -3.53
C CYS B 176 -35.40 26.22 -2.72
N ILE B 177 -35.37 27.38 -3.38
CA ILE B 177 -35.63 28.63 -2.69
C ILE B 177 -37.06 28.66 -2.16
N GLN B 178 -38.02 28.20 -2.96
CA GLN B 178 -39.40 28.14 -2.48
C GLN B 178 -39.53 27.19 -1.29
N HIS B 179 -38.88 26.03 -1.36
CA HIS B 179 -38.96 25.08 -0.26
C HIS B 179 -38.37 25.67 1.01
N LEU B 180 -37.24 26.36 0.90
CA LEU B 180 -36.62 26.98 2.06
C LEU B 180 -37.50 28.11 2.61
N GLN B 181 -38.13 28.88 1.72
CA GLN B 181 -39.10 29.88 2.17
C GLN B 181 -40.23 29.24 2.97
N LEU B 182 -40.79 28.15 2.46
CA LEU B 182 -41.89 27.49 3.15
C LEU B 182 -41.46 27.01 4.53
N ILE B 183 -40.32 26.34 4.62
CA ILE B 183 -39.92 25.82 5.92
C ILE B 183 -39.53 26.97 6.87
N ALA B 184 -38.97 28.05 6.34
CA ALA B 184 -38.61 29.19 7.19
C ALA B 184 -39.84 29.87 7.76
N GLU B 185 -40.86 30.08 6.92
CA GLU B 185 -42.08 30.72 7.41
C GLU B 185 -42.94 29.76 8.22
N LYS B 186 -42.67 28.45 8.14
CA LYS B 186 -43.22 27.53 9.13
C LYS B 186 -42.48 27.64 10.46
N HIS B 187 -41.18 27.94 10.43
CA HIS B 187 -40.40 28.03 11.65
C HIS B 187 -40.66 29.33 12.42
N LYS B 188 -41.02 30.41 11.70
CA LYS B 188 -41.14 31.74 12.28
C LYS B 188 -39.84 32.19 12.95
N GLY B 189 -38.81 32.32 12.12
CA GLY B 189 -37.51 32.75 12.62
C GLY B 189 -36.87 33.84 11.79
N GLU B 190 -36.40 34.89 12.45
CA GLU B 190 -35.70 35.96 11.74
C GLU B 190 -34.35 35.50 11.21
N GLU B 191 -33.68 34.59 11.93
CA GLU B 191 -32.39 34.09 11.47
C GLU B 191 -32.52 33.34 10.15
N HIS B 192 -33.60 32.59 9.98
CA HIS B 192 -33.84 31.90 8.71
C HIS B 192 -34.02 32.90 7.58
N ARG B 193 -34.79 33.97 7.82
CA ARG B 193 -34.98 34.99 6.79
C ARG B 193 -33.66 35.66 6.44
N LYS B 194 -32.85 35.99 7.44
CA LYS B 194 -31.56 36.62 7.19
C LYS B 194 -30.65 35.69 6.40
N ALA B 195 -30.65 34.39 6.74
CA ALA B 195 -29.78 33.44 6.06
C ALA B 195 -30.27 33.16 4.64
N LEU B 196 -31.57 33.31 4.40
CA LEU B 196 -32.07 33.14 3.04
C LEU B 196 -31.92 34.41 2.22
N GLU B 197 -31.72 35.56 2.87
CA GLU B 197 -31.57 36.82 2.16
C GLU B 197 -30.47 36.74 1.10
N ASP B 198 -29.32 36.19 1.45
CA ASP B 198 -28.25 36.00 0.46
C ASP B 198 -28.41 34.71 -0.33
N PHE B 199 -29.42 33.89 -0.02
CA PHE B 199 -29.70 32.68 -0.78
C PHE B 199 -30.74 32.99 -1.87
N THR B 200 -30.29 33.73 -2.87
CA THR B 200 -31.12 34.06 -4.02
C THR B 200 -30.62 33.36 -5.27
N LEU B 201 -31.42 33.45 -6.33
CA LEU B 201 -31.09 32.76 -7.57
C LEU B 201 -29.77 33.24 -8.14
N ASP B 202 -29.53 34.55 -8.12
CA ASP B 202 -28.27 35.08 -8.65
C ASP B 202 -27.08 34.56 -7.84
N ASN B 203 -27.21 34.49 -6.52
CA ASN B 203 -26.13 33.95 -5.70
C ASN B 203 -25.91 32.47 -5.98
N ILE B 204 -26.99 31.71 -6.16
CA ILE B 204 -26.85 30.28 -6.43
C ILE B 204 -26.14 30.07 -7.76
N LEU B 205 -26.54 30.82 -8.79
CA LEU B 205 -25.92 30.63 -10.10
C LEU B 205 -24.51 31.23 -10.14
N SER B 206 -24.19 32.15 -9.24
CA SER B 206 -22.83 32.65 -9.14
C SER B 206 -21.97 31.80 -8.22
N HIS B 207 -22.55 30.83 -7.53
CA HIS B 207 -21.81 29.94 -6.65
C HIS B 207 -21.57 28.57 -7.25
N ILE B 208 -21.83 28.40 -8.54
CA ILE B 208 -21.60 27.14 -9.23
C ILE B 208 -20.47 27.38 -10.23
N TYR B 209 -19.29 26.83 -9.94
CA TYR B 209 -18.12 26.98 -10.79
C TYR B 209 -18.08 25.81 -11.76
N TYR B 210 -18.41 26.08 -13.02
CA TYR B 210 -18.60 25.03 -14.03
C TYR B 210 -17.42 24.98 -14.98
N PHE B 211 -16.86 23.79 -15.16
CA PHE B 211 -15.78 23.52 -16.08
C PHE B 211 -16.26 22.55 -17.14
N ARG B 212 -15.79 22.74 -18.37
CA ARG B 212 -16.15 21.88 -19.49
C ARG B 212 -14.88 21.22 -19.99
N CYS B 213 -14.66 19.97 -19.59
CA CYS B 213 -13.49 19.21 -19.99
C CYS B 213 -13.83 18.47 -21.27
N ARG B 214 -13.28 18.94 -22.39
CA ARG B 214 -13.66 18.39 -23.69
C ARG B 214 -13.28 16.92 -23.82
N ASP B 215 -12.08 16.56 -23.37
CA ASP B 215 -11.62 15.17 -23.44
C ASP B 215 -10.94 14.83 -22.12
N TYR B 216 -10.41 13.61 -22.04
CA TYR B 216 -9.92 13.11 -20.76
C TYR B 216 -8.64 13.81 -20.33
N THR B 217 -7.83 14.32 -21.25
CA THR B 217 -6.67 15.10 -20.84
C THR B 217 -7.10 16.43 -20.24
N GLU B 218 -8.16 17.03 -20.75
CA GLU B 218 -8.72 18.23 -20.13
C GLU B 218 -9.20 17.92 -18.73
N LEU B 219 -9.86 16.77 -18.55
CA LEU B 219 -10.34 16.36 -17.22
C LEU B 219 -9.19 16.15 -16.25
N LEU B 220 -8.13 15.48 -16.71
CA LEU B 220 -6.98 15.26 -15.84
C LEU B 220 -6.33 16.59 -15.46
N ALA B 221 -6.21 17.50 -16.41
CA ALA B 221 -5.64 18.82 -16.13
C ALA B 221 -6.49 19.58 -15.12
N GLN B 222 -7.81 19.53 -15.28
CA GLN B 222 -8.68 20.24 -14.34
C GLN B 222 -8.61 19.62 -12.96
N VAL B 223 -8.52 18.29 -12.88
CA VAL B 223 -8.40 17.65 -11.57
C VAL B 223 -7.08 18.01 -10.92
N TYR B 224 -6.02 18.17 -11.73
CA TYR B 224 -4.75 18.63 -11.17
C TYR B 224 -4.83 20.06 -10.67
N LEU B 225 -5.60 20.91 -11.36
CA LEU B 225 -5.75 22.30 -10.95
C LEU B 225 -6.79 22.51 -9.85
N LEU B 226 -7.60 21.50 -9.56
CA LEU B 226 -8.63 21.65 -8.54
C LEU B 226 -8.08 21.98 -7.15
N PRO B 227 -7.00 21.37 -6.65
CA PRO B 227 -6.52 21.78 -5.32
C PRO B 227 -6.19 23.26 -5.20
N ASP B 228 -5.52 23.83 -6.20
CA ASP B 228 -5.22 25.26 -6.16
C ASP B 228 -6.48 26.10 -6.25
N PHE B 229 -7.41 25.70 -7.13
CA PHE B 229 -8.66 26.43 -7.29
C PHE B 229 -9.45 26.46 -5.99
N LEU B 230 -9.48 25.33 -5.27
CA LEU B 230 -10.22 25.27 -4.02
C LEU B 230 -9.49 25.95 -2.88
N SER B 231 -8.15 25.97 -2.91
CA SER B 231 -7.43 26.80 -1.94
C SER B 231 -7.78 28.27 -2.14
N GLU B 232 -7.93 28.69 -3.40
CA GLU B 232 -8.43 30.04 -3.66
C GLU B 232 -9.88 30.17 -3.23
N HIS B 233 -10.72 29.19 -3.59
CA HIS B 233 -12.15 29.23 -3.30
C HIS B 233 -12.42 28.30 -2.12
N SER B 234 -12.17 28.82 -0.92
CA SER B 234 -12.15 27.98 0.27
C SER B 234 -13.54 27.54 0.73
N LYS B 235 -14.61 28.08 0.16
CA LYS B 235 -15.96 27.78 0.63
C LYS B 235 -16.66 26.79 -0.29
N VAL B 236 -15.94 26.18 -1.24
CA VAL B 236 -16.50 25.15 -2.09
C VAL B 236 -16.59 23.85 -1.31
N ARG B 237 -17.78 23.21 -1.33
CA ARG B 237 -18.00 21.97 -0.61
C ARG B 237 -18.32 20.78 -1.50
N LEU B 238 -18.58 20.98 -2.79
CA LEU B 238 -18.97 19.90 -3.67
C LEU B 238 -18.20 20.01 -4.99
N VAL B 239 -17.66 18.89 -5.46
CA VAL B 239 -17.09 18.79 -6.79
C VAL B 239 -17.79 17.64 -7.52
N ILE B 240 -18.28 17.93 -8.72
CA ILE B 240 -19.06 16.99 -9.51
C ILE B 240 -18.31 16.72 -10.79
N VAL B 241 -18.14 15.43 -11.10
CA VAL B 241 -17.63 15.02 -12.40
C VAL B 241 -18.78 14.39 -13.17
N ASP B 242 -19.47 15.23 -13.95
CA ASP B 242 -20.60 14.80 -14.77
C ASP B 242 -20.08 13.99 -15.94
N GLY B 243 -19.83 12.71 -15.67
CA GLY B 243 -19.30 11.82 -16.67
C GLY B 243 -17.82 11.62 -16.48
N ILE B 244 -17.45 10.52 -15.82
CA ILE B 244 -16.07 10.06 -15.83
C ILE B 244 -15.91 8.89 -16.78
N ALA B 245 -17.00 8.24 -17.18
CA ALA B 245 -16.94 7.22 -18.22
C ALA B 245 -16.81 7.83 -19.61
N PHE B 246 -17.42 8.99 -19.84
CA PHE B 246 -17.44 9.56 -21.19
C PHE B 246 -16.04 9.89 -21.71
N PRO B 247 -15.18 10.61 -21.00
CA PRO B 247 -13.88 10.98 -21.59
C PRO B 247 -12.92 9.81 -21.74
N PHE B 248 -13.17 8.68 -21.08
CA PHE B 248 -12.26 7.54 -21.15
C PHE B 248 -12.74 6.44 -22.08
N ARG B 249 -14.05 6.19 -22.14
CA ARG B 249 -14.58 5.25 -23.13
C ARG B 249 -14.48 5.79 -24.55
N HIS B 250 -14.21 7.09 -24.71
CA HIS B 250 -14.07 7.72 -26.02
C HIS B 250 -12.65 8.27 -26.16
N ASP B 251 -12.09 8.07 -27.35
CA ASP B 251 -10.76 8.59 -27.70
C ASP B 251 -9.66 8.04 -26.78
N LEU B 252 -9.84 6.81 -26.30
CA LEU B 252 -8.81 6.15 -25.49
C LEU B 252 -8.95 4.66 -25.70
N ASP B 253 -8.13 4.11 -26.58
CA ASP B 253 -8.20 2.70 -26.97
C ASP B 253 -7.25 1.81 -26.16
N ASP B 254 -6.53 2.36 -25.19
CA ASP B 254 -5.63 1.59 -24.34
C ASP B 254 -6.31 1.29 -23.02
N LEU B 255 -6.52 0.01 -22.73
CA LEU B 255 -7.18 -0.37 -21.49
C LEU B 255 -6.26 -0.22 -20.28
N SER B 256 -4.97 -0.56 -20.44
CA SER B 256 -4.04 -0.37 -19.34
C SER B 256 -3.85 1.11 -19.01
N LEU B 257 -3.74 1.95 -20.03
CA LEU B 257 -3.66 3.39 -19.79
C LEU B 257 -4.94 3.90 -19.14
N ARG B 258 -6.09 3.40 -19.58
CA ARG B 258 -7.35 3.80 -18.95
C ARG B 258 -7.37 3.41 -17.48
N THR B 259 -6.91 2.21 -17.17
CA THR B 259 -6.87 1.78 -15.77
C THR B 259 -5.96 2.66 -14.94
N ARG B 260 -4.77 2.97 -15.46
CA ARG B 260 -3.84 3.81 -14.71
C ARG B 260 -4.40 5.20 -14.49
N LEU B 261 -4.97 5.80 -15.54
CA LEU B 261 -5.55 7.14 -15.41
C LEU B 261 -6.72 7.15 -14.45
N LEU B 262 -7.57 6.12 -14.50
CA LEU B 262 -8.71 6.06 -13.60
C LEU B 262 -8.27 5.89 -12.16
N ASN B 263 -7.28 5.04 -11.90
CA ASN B 263 -6.78 4.89 -10.53
C ASN B 263 -6.20 6.20 -10.02
N GLY B 264 -5.37 6.85 -10.83
CA GLY B 264 -4.80 8.11 -10.42
C GLY B 264 -5.84 9.18 -10.16
N LEU B 265 -6.83 9.28 -11.05
CA LEU B 265 -7.85 10.31 -10.88
C LEU B 265 -8.73 10.00 -9.68
N ALA B 266 -9.00 8.73 -9.41
CA ALA B 266 -9.76 8.36 -8.23
C ALA B 266 -9.03 8.76 -6.95
N GLN B 267 -7.72 8.50 -6.90
CA GLN B 267 -6.95 8.94 -5.75
C GLN B 267 -6.94 10.45 -5.62
N GLN B 268 -6.81 11.15 -6.75
CA GLN B 268 -6.85 12.61 -6.71
C GLN B 268 -8.19 13.11 -6.17
N MET B 269 -9.30 12.50 -6.61
CA MET B 269 -10.61 12.94 -6.17
C MET B 269 -10.81 12.68 -4.69
N ILE B 270 -10.42 11.51 -4.19
CA ILE B 270 -10.62 11.25 -2.78
C ILE B 270 -9.71 12.14 -1.93
N SER B 271 -8.48 12.37 -2.39
CA SER B 271 -7.57 13.26 -1.67
C SER B 271 -8.15 14.67 -1.61
N LEU B 272 -8.70 15.14 -2.73
CA LEU B 272 -9.30 16.47 -2.76
C LEU B 272 -10.48 16.55 -1.80
N ALA B 273 -11.34 15.53 -1.83
CA ALA B 273 -12.53 15.54 -0.99
C ALA B 273 -12.16 15.58 0.49
N ASN B 274 -11.18 14.78 0.90
CA ASN B 274 -10.83 14.76 2.32
C ASN B 274 -10.03 16.00 2.73
N ASN B 275 -9.08 16.43 1.92
CA ASN B 275 -8.26 17.58 2.29
C ASN B 275 -9.09 18.86 2.34
N HIS B 276 -9.99 19.06 1.38
CA HIS B 276 -10.75 20.29 1.28
C HIS B 276 -12.17 20.17 1.81
N ARG B 277 -12.50 19.05 2.46
CA ARG B 277 -13.81 18.84 3.08
C ARG B 277 -14.93 18.98 2.04
N LEU B 278 -14.89 18.08 1.07
CA LEU B 278 -15.76 18.12 -0.10
C LEU B 278 -16.61 16.86 -0.17
N ALA B 279 -17.54 16.86 -1.12
CA ALA B 279 -18.18 15.64 -1.60
C ALA B 279 -17.88 15.55 -3.08
N VAL B 280 -17.34 14.41 -3.52
CA VAL B 280 -16.97 14.23 -4.91
C VAL B 280 -18.00 13.31 -5.53
N ILE B 281 -18.83 13.86 -6.39
CA ILE B 281 -19.77 13.06 -7.16
C ILE B 281 -19.10 12.66 -8.46
N LEU B 282 -19.31 11.41 -8.88
CA LEU B 282 -18.72 10.89 -10.11
C LEU B 282 -19.81 10.15 -10.86
N THR B 283 -20.25 10.67 -12.00
CA THR B 283 -21.30 9.97 -12.74
C THR B 283 -20.68 8.98 -13.72
N ASN B 284 -21.28 7.80 -13.80
CA ASN B 284 -20.74 6.68 -14.54
C ASN B 284 -21.85 6.03 -15.35
N GLN B 285 -21.48 5.54 -16.53
CA GLN B 285 -22.43 4.91 -17.44
C GLN B 285 -22.42 3.40 -17.24
N MET B 286 -23.44 2.74 -17.80
CA MET B 286 -23.58 1.29 -17.70
C MET B 286 -23.11 0.61 -18.97
N THR B 287 -22.52 -0.58 -18.80
CA THR B 287 -22.07 -1.40 -19.91
C THR B 287 -22.66 -2.80 -19.78
N THR B 288 -22.84 -3.45 -20.92
CA THR B 288 -23.40 -4.81 -20.94
C THR B 288 -22.29 -5.84 -20.93
N LEU B 297 -26.10 -3.00 -17.07
CA LEU B 297 -26.02 -4.17 -16.19
C LEU B 297 -24.94 -4.01 -15.13
N VAL B 298 -23.71 -3.77 -15.57
CA VAL B 298 -22.57 -3.62 -14.66
C VAL B 298 -21.95 -2.25 -14.89
N PRO B 299 -21.52 -1.55 -13.84
CA PRO B 299 -20.89 -0.23 -14.03
C PRO B 299 -19.65 -0.33 -14.91
N ALA B 300 -19.45 0.69 -15.73
CA ALA B 300 -18.43 0.67 -16.77
C ALA B 300 -17.05 0.88 -16.14
N LEU B 301 -16.05 1.05 -17.00
CA LEU B 301 -14.68 1.41 -16.61
C LEU B 301 -13.99 0.30 -15.84
N GLY B 302 -14.41 -0.94 -16.05
CA GLY B 302 -13.73 -2.08 -15.48
C GLY B 302 -14.19 -2.39 -14.06
N GLU B 303 -13.98 -3.65 -13.67
CA GLU B 303 -14.38 -4.08 -12.33
C GLU B 303 -13.49 -3.47 -11.25
N SER B 304 -12.22 -3.20 -11.56
CA SER B 304 -11.33 -2.61 -10.58
C SER B 304 -11.76 -1.20 -10.21
N TRP B 305 -12.35 -0.46 -11.15
CA TRP B 305 -12.81 0.88 -10.87
C TRP B 305 -13.88 0.92 -9.79
N GLY B 306 -14.56 -0.20 -9.53
CA GLY B 306 -15.50 -0.25 -8.42
C GLY B 306 -14.86 -0.03 -7.08
N HIS B 307 -13.53 -0.14 -7.00
CA HIS B 307 -12.81 0.15 -5.77
C HIS B 307 -12.54 1.65 -5.59
N ALA B 308 -12.89 2.47 -6.57
CA ALA B 308 -12.48 3.87 -6.56
C ALA B 308 -13.36 4.71 -5.64
N ALA B 309 -14.65 4.80 -5.96
CA ALA B 309 -15.56 5.62 -5.18
C ALA B 309 -15.89 4.97 -3.86
N THR B 310 -16.10 5.80 -2.84
CA THR B 310 -16.47 5.29 -1.53
C THR B 310 -17.89 4.73 -1.52
N ILE B 311 -18.81 5.40 -2.21
CA ILE B 311 -20.21 5.00 -2.27
C ILE B 311 -20.57 4.78 -3.73
N ARG B 312 -21.50 3.87 -3.98
CA ARG B 312 -21.95 3.59 -5.33
C ARG B 312 -23.46 3.47 -5.37
N LEU B 313 -24.10 4.30 -6.19
CA LEU B 313 -25.55 4.30 -6.38
C LEU B 313 -25.85 4.03 -7.84
N ILE B 314 -26.46 2.88 -8.14
CA ILE B 314 -26.98 2.62 -9.47
C ILE B 314 -28.40 3.14 -9.59
N PHE B 315 -28.62 4.03 -10.54
CA PHE B 315 -29.95 4.50 -10.90
C PHE B 315 -30.41 3.67 -12.09
N HIS B 316 -31.55 3.00 -11.94
CA HIS B 316 -32.00 2.09 -12.98
C HIS B 316 -33.53 2.12 -13.08
N TRP B 317 -34.02 1.60 -14.19
CA TRP B 317 -35.43 1.67 -14.56
C TRP B 317 -36.10 0.34 -14.26
N ASP B 318 -37.28 0.38 -13.65
CA ASP B 318 -38.09 -0.81 -13.41
C ASP B 318 -39.55 -0.46 -13.67
N ARG B 319 -40.12 -1.02 -14.74
CA ARG B 319 -41.51 -0.78 -15.13
C ARG B 319 -41.79 0.72 -15.26
N LYS B 320 -40.88 1.41 -15.94
CA LYS B 320 -40.95 2.86 -16.12
C LYS B 320 -41.08 3.56 -14.76
N GLN B 321 -40.22 3.15 -13.83
CA GLN B 321 -40.17 3.79 -12.52
C GLN B 321 -38.73 3.68 -12.04
N ARG B 322 -38.26 4.72 -11.37
CA ARG B 322 -36.83 4.89 -11.12
C ARG B 322 -36.45 4.35 -9.75
N LEU B 323 -35.44 3.49 -9.72
CA LEU B 323 -34.97 2.88 -8.48
C LEU B 323 -33.49 3.18 -8.31
N ALA B 324 -33.11 3.55 -7.09
CA ALA B 324 -31.74 3.84 -6.75
C ALA B 324 -31.22 2.77 -5.80
N THR B 325 -30.18 2.06 -6.21
CA THR B 325 -29.64 0.93 -5.48
C THR B 325 -28.27 1.31 -4.91
N LEU B 326 -28.10 1.06 -3.62
CA LEU B 326 -26.84 1.34 -2.94
C LEU B 326 -25.94 0.11 -3.05
N TYR B 327 -25.24 0.02 -4.17
CA TYR B 327 -24.43 -1.18 -4.45
C TYR B 327 -23.31 -1.32 -3.43
N LYS B 328 -22.52 -0.28 -3.25
CA LYS B 328 -21.43 -0.30 -2.29
C LYS B 328 -21.52 0.96 -1.45
N SER B 329 -21.43 0.79 -0.15
CA SER B 329 -21.41 1.89 0.80
C SER B 329 -20.81 1.35 2.09
N PRO B 330 -19.76 1.99 2.62
CA PRO B 330 -19.13 1.49 3.83
C PRO B 330 -19.88 1.81 5.12
N SER B 331 -21.10 2.34 5.02
CA SER B 331 -21.86 2.74 6.20
C SER B 331 -23.31 2.28 6.20
N GLN B 332 -23.89 1.96 5.05
CA GLN B 332 -25.29 1.55 4.98
C GLN B 332 -25.40 0.27 4.17
N LYS B 333 -26.38 -0.55 4.52
CA LYS B 333 -26.58 -1.82 3.83
C LYS B 333 -27.12 -1.59 2.43
N GLU B 334 -26.84 -2.55 1.55
CA GLU B 334 -27.35 -2.47 0.18
C GLU B 334 -28.87 -2.52 0.18
N CYS B 335 -29.49 -1.54 -0.46
CA CYS B 335 -30.93 -1.46 -0.50
C CYS B 335 -31.36 -0.53 -1.62
N THR B 336 -32.49 -0.86 -2.25
CA THR B 336 -33.00 -0.13 -3.40
C THR B 336 -34.22 0.67 -2.98
N VAL B 337 -34.23 1.95 -3.33
CA VAL B 337 -35.27 2.87 -2.91
C VAL B 337 -35.88 3.55 -4.12
N LEU B 338 -36.96 4.27 -3.88
CA LEU B 338 -37.81 4.84 -4.92
C LEU B 338 -37.51 6.34 -5.03
N PHE B 339 -37.37 6.84 -6.25
CA PHE B 339 -37.14 8.27 -6.47
C PHE B 339 -37.74 8.66 -7.81
N GLN B 340 -37.76 9.97 -8.07
CA GLN B 340 -38.35 10.48 -9.30
C GLN B 340 -37.79 11.88 -9.59
N ILE B 341 -37.97 12.32 -10.84
CA ILE B 341 -37.64 13.66 -11.27
C ILE B 341 -38.96 14.39 -11.50
N LYS B 342 -39.13 15.51 -10.82
CA LYS B 342 -40.29 16.38 -10.99
C LYS B 342 -39.83 17.77 -11.42
N PRO B 343 -40.77 18.64 -11.78
CA PRO B 343 -40.38 20.04 -12.01
C PRO B 343 -39.73 20.69 -10.81
N GLN B 344 -40.11 20.28 -9.59
CA GLN B 344 -39.46 20.79 -8.39
C GLN B 344 -38.04 20.26 -8.24
N GLY B 345 -37.63 19.28 -9.04
CA GLY B 345 -36.27 18.81 -9.01
C GLY B 345 -36.15 17.32 -8.83
N PHE B 346 -35.41 16.92 -7.80
CA PHE B 346 -35.10 15.50 -7.56
C PHE B 346 -35.88 15.06 -6.32
N ARG B 347 -37.05 14.46 -6.53
CA ARG B 347 -37.97 14.16 -5.44
C ARG B 347 -38.08 12.65 -5.26
N ASP B 348 -38.96 12.25 -4.35
CA ASP B 348 -39.16 10.83 -4.05
C ASP B 348 -40.13 10.19 -5.03
N GLY C 2 25.85 2.88 5.80
CA GLY C 2 25.70 4.22 5.26
C GLY C 2 27.02 4.96 5.13
N VAL C 3 26.95 6.25 4.78
CA VAL C 3 28.18 7.04 4.68
C VAL C 3 28.78 7.25 6.06
N LEU C 4 30.06 7.61 6.07
CA LEU C 4 30.78 7.85 7.31
C LEU C 4 30.66 9.31 7.69
N ARG C 5 30.13 9.57 8.88
CA ARG C 5 29.96 10.93 9.38
C ARG C 5 30.31 10.96 10.85
N VAL C 6 30.62 12.16 11.34
CA VAL C 6 30.97 12.33 12.75
C VAL C 6 29.79 11.94 13.62
N GLY C 7 30.08 11.20 14.69
CA GLY C 7 29.04 10.73 15.59
C GLY C 7 28.31 9.49 15.11
N LEU C 8 28.67 8.95 13.95
CA LEU C 8 28.02 7.73 13.47
C LEU C 8 28.31 6.57 14.42
N CYS C 9 29.55 6.45 14.87
CA CYS C 9 29.95 5.46 15.85
C CYS C 9 31.14 6.01 16.61
N PRO C 10 31.24 5.73 17.91
CA PRO C 10 32.35 6.29 18.69
C PRO C 10 33.70 5.80 18.19
N GLY C 11 34.70 6.67 18.29
CA GLY C 11 36.07 6.34 17.93
C GLY C 11 36.54 6.91 16.61
N LEU C 12 35.63 7.39 15.77
CA LEU C 12 36.03 7.96 14.49
C LEU C 12 36.35 9.45 14.64
N THR C 13 37.08 9.97 13.66
CA THR C 13 37.43 11.38 13.59
C THR C 13 37.26 11.87 12.15
N GLU C 14 37.28 13.20 12.00
CA GLU C 14 37.04 13.80 10.69
C GLU C 14 38.14 13.44 9.69
N GLU C 15 39.41 13.48 10.11
CA GLU C 15 40.49 13.17 9.18
C GLU C 15 40.44 11.70 8.74
N MET C 16 39.97 10.80 9.61
CA MET C 16 39.76 9.42 9.19
C MET C 16 38.75 9.34 8.05
N ILE C 17 37.63 10.07 8.19
CA ILE C 17 36.61 10.05 7.14
C ILE C 17 37.16 10.66 5.85
N GLN C 18 37.92 11.74 5.95
CA GLN C 18 38.49 12.37 4.76
C GLN C 18 39.46 11.41 4.06
N LEU C 19 40.31 10.73 4.82
CA LEU C 19 41.25 9.80 4.22
C LEU C 19 40.52 8.61 3.57
N LEU C 20 39.49 8.09 4.24
CA LEU C 20 38.72 7.00 3.65
C LEU C 20 38.03 7.43 2.37
N ARG C 21 37.47 8.64 2.35
CA ARG C 21 36.86 9.16 1.13
C ARG C 21 37.89 9.31 0.02
N SER C 22 39.09 9.79 0.36
CA SER C 22 40.14 9.94 -0.64
C SER C 22 40.68 8.60 -1.12
N HIS C 23 40.50 7.54 -0.34
CA HIS C 23 40.94 6.19 -0.72
C HIS C 23 39.78 5.33 -1.19
N ARG C 24 38.79 5.94 -1.84
CA ARG C 24 37.70 5.23 -2.52
C ARG C 24 36.89 4.37 -1.55
N ILE C 25 36.72 4.84 -0.32
CA ILE C 25 35.86 4.20 0.66
C ILE C 25 34.89 5.26 1.18
N LYS C 26 33.65 5.20 0.73
CA LYS C 26 32.65 6.19 1.08
C LYS C 26 31.69 5.73 2.16
N THR C 27 31.37 4.44 2.20
CA THR C 27 30.25 3.92 2.98
C THR C 27 30.73 2.85 3.95
N VAL C 28 29.80 2.41 4.81
CA VAL C 28 30.10 1.35 5.76
C VAL C 28 30.38 0.05 5.03
N VAL C 29 29.60 -0.23 3.97
CA VAL C 29 29.82 -1.46 3.21
C VAL C 29 31.19 -1.43 2.54
N ASP C 30 31.63 -0.26 2.07
CA ASP C 30 32.95 -0.15 1.50
C ASP C 30 34.02 -0.23 2.57
N LEU C 31 33.74 0.27 3.78
CA LEU C 31 34.70 0.20 4.87
C LEU C 31 34.93 -1.24 5.30
N VAL C 32 33.86 -2.04 5.34
CA VAL C 32 33.96 -3.38 5.89
C VAL C 32 34.29 -4.43 4.82
N SER C 33 33.93 -4.17 3.56
CA SER C 33 34.25 -5.10 2.50
C SER C 33 35.71 -5.00 2.08
N ALA C 34 36.27 -3.80 2.09
CA ALA C 34 37.65 -3.60 1.68
C ALA C 34 38.61 -4.20 2.70
N ASP C 35 39.79 -4.58 2.23
CA ASP C 35 40.79 -5.18 3.10
C ASP C 35 41.34 -4.14 4.06
N LEU C 36 41.33 -4.47 5.36
CA LEU C 36 41.78 -3.52 6.36
C LEU C 36 43.28 -3.29 6.28
N GLU C 37 44.05 -4.33 5.96
CA GLU C 37 45.51 -4.21 5.95
C GLU C 37 45.97 -3.20 4.90
N GLU C 38 45.42 -3.29 3.69
CA GLU C 38 45.94 -2.45 2.61
C GLU C 38 45.48 -0.99 2.77
N VAL C 39 44.24 -0.78 3.22
CA VAL C 39 43.82 0.60 3.49
C VAL C 39 44.62 1.17 4.67
N ALA C 40 44.95 0.34 5.66
CA ALA C 40 45.74 0.82 6.79
C ALA C 40 47.15 1.20 6.35
N GLN C 41 47.76 0.39 5.47
CA GLN C 41 49.13 0.67 5.07
C GLN C 41 49.21 1.82 4.06
N LYS C 42 48.22 2.00 3.20
CA LYS C 42 48.25 3.10 2.25
C LYS C 42 47.57 4.36 2.78
N CYS C 43 46.97 4.29 3.96
CA CYS C 43 46.21 5.41 4.52
C CYS C 43 46.89 6.07 5.70
N GLY C 44 47.75 5.36 6.42
CA GLY C 44 48.37 5.88 7.62
C GLY C 44 47.58 5.66 8.88
N LEU C 45 46.37 5.10 8.79
CA LEU C 45 45.57 4.84 9.97
C LEU C 45 46.04 3.57 10.66
N SER C 46 45.85 3.51 11.98
CA SER C 46 46.25 2.35 12.75
C SER C 46 45.41 1.14 12.37
N TYR C 47 46.07 -0.01 12.27
CA TYR C 47 45.37 -1.24 11.93
C TYR C 47 44.37 -1.62 13.03
N LYS C 48 44.78 -1.50 14.30
CA LYS C 48 43.88 -1.82 15.40
C LYS C 48 42.70 -0.86 15.44
N ALA C 49 42.94 0.42 15.13
CA ALA C 49 41.85 1.38 15.09
C ALA C 49 40.83 1.01 14.01
N LEU C 50 41.30 0.60 12.84
CA LEU C 50 40.39 0.19 11.78
C LEU C 50 39.65 -1.09 12.15
N VAL C 51 40.33 -2.02 12.83
CA VAL C 51 39.67 -3.25 13.27
C VAL C 51 38.55 -2.93 14.26
N ALA C 52 38.83 -2.05 15.22
CA ALA C 52 37.80 -1.66 16.18
C ALA C 52 36.65 -0.93 15.50
N LEU C 53 36.97 -0.06 14.54
CA LEU C 53 35.94 0.65 13.80
C LEU C 53 35.03 -0.32 13.07
N ARG C 54 35.62 -1.31 12.39
CA ARG C 54 34.81 -2.31 11.69
C ARG C 54 33.98 -3.12 12.67
N ARG C 55 34.57 -3.49 13.81
CA ARG C 55 33.83 -4.30 14.78
C ARG C 55 32.62 -3.55 15.31
N VAL C 56 32.79 -2.28 15.66
CA VAL C 56 31.66 -1.50 16.17
C VAL C 56 30.64 -1.24 15.06
N LEU C 57 31.10 -1.07 13.82
CA LEU C 57 30.18 -0.85 12.72
C LEU C 57 29.30 -2.08 12.48
N LEU C 58 29.89 -3.28 12.52
CA LEU C 58 29.08 -4.48 12.39
C LEU C 58 28.22 -4.71 13.63
N ALA C 59 28.69 -4.31 14.81
CA ALA C 59 27.86 -4.44 15.99
C ALA C 59 26.63 -3.54 15.92
N GLN C 60 26.76 -2.38 15.29
CA GLN C 60 25.67 -1.41 15.27
C GLN C 60 24.73 -1.64 14.09
N PHE C 61 25.28 -1.74 12.88
CA PHE C 61 24.46 -1.72 11.68
C PHE C 61 23.90 -3.09 11.30
N SER C 62 24.48 -4.17 11.82
CA SER C 62 23.98 -5.50 11.49
C SER C 62 23.01 -5.98 12.55
N ALA C 63 22.17 -6.95 12.15
CA ALA C 63 21.12 -7.48 13.02
C ALA C 63 21.64 -8.74 13.70
N PHE C 64 21.69 -8.70 15.04
CA PHE C 64 22.15 -9.84 15.81
C PHE C 64 21.18 -11.01 15.64
N PRO C 65 21.70 -12.23 15.49
CA PRO C 65 20.82 -13.39 15.34
C PRO C 65 20.18 -13.80 16.66
N VAL C 66 18.87 -13.62 16.77
CA VAL C 66 18.17 -13.96 18.00
C VAL C 66 17.95 -15.46 18.05
N ASN C 67 18.20 -16.07 19.21
CA ASN C 67 18.05 -17.51 19.35
C ASN C 67 16.60 -17.91 19.17
N GLY C 68 16.40 -19.13 18.71
CA GLY C 68 15.04 -19.60 18.44
C GLY C 68 14.21 -19.74 19.69
N ALA C 69 14.81 -20.24 20.78
CA ALA C 69 14.07 -20.41 22.03
C ALA C 69 13.71 -19.07 22.65
N ASP C 70 14.64 -18.11 22.66
CA ASP C 70 14.36 -16.78 23.19
C ASP C 70 13.26 -16.10 22.40
N LEU C 71 13.34 -16.17 21.06
CA LEU C 71 12.30 -15.62 20.22
C LEU C 71 10.96 -16.30 20.46
N TYR C 72 10.97 -17.63 20.60
CA TYR C 72 9.73 -18.36 20.84
C TYR C 72 9.07 -17.92 22.14
N GLU C 73 9.86 -17.81 23.21
CA GLU C 73 9.28 -17.44 24.50
C GLU C 73 8.84 -15.98 24.50
N GLU C 74 9.51 -15.11 23.73
CA GLU C 74 9.08 -13.72 23.68
C GLU C 74 7.83 -13.53 22.83
N LEU C 75 7.66 -14.30 21.76
CA LEU C 75 6.43 -14.15 20.98
C LEU C 75 5.29 -14.98 21.56
N LYS C 76 5.56 -15.90 22.47
CA LYS C 76 4.45 -16.59 23.14
C LYS C 76 3.66 -15.62 24.02
N THR C 77 4.24 -14.48 24.37
CA THR C 77 3.56 -13.45 25.13
C THR C 77 3.32 -12.16 24.35
N SER C 78 4.30 -11.71 23.55
CA SER C 78 4.17 -10.45 22.85
C SER C 78 3.22 -10.50 21.65
N THR C 79 3.00 -11.67 21.07
CA THR C 79 2.02 -11.80 20.01
C THR C 79 0.62 -11.78 20.63
N ALA C 80 -0.39 -11.70 19.78
CA ALA C 80 -1.77 -11.68 20.26
C ALA C 80 -2.72 -12.06 19.14
N ILE C 81 -3.67 -12.94 19.43
CA ILE C 81 -4.69 -13.32 18.45
C ILE C 81 -5.82 -12.31 18.63
N LEU C 82 -5.67 -11.16 17.97
CA LEU C 82 -6.65 -10.09 18.06
C LEU C 82 -7.92 -10.52 17.34
N SER C 83 -8.98 -10.75 18.11
CA SER C 83 -10.22 -11.25 17.54
C SER C 83 -10.83 -10.21 16.60
N THR C 84 -11.27 -10.67 15.43
CA THR C 84 -11.91 -9.78 14.48
C THR C 84 -13.25 -9.25 14.99
N GLY C 85 -13.86 -9.94 15.94
CA GLY C 85 -15.23 -9.64 16.34
C GLY C 85 -16.27 -10.39 15.54
N ILE C 86 -15.86 -11.12 14.50
CA ILE C 86 -16.74 -11.95 13.70
C ILE C 86 -16.43 -13.40 14.07
N GLY C 87 -17.45 -14.13 14.50
CA GLY C 87 -17.21 -15.50 14.92
C GLY C 87 -16.72 -16.40 13.81
N SER C 88 -17.39 -16.32 12.64
CA SER C 88 -17.03 -17.20 11.54
C SER C 88 -15.67 -16.81 10.95
N LEU C 89 -15.38 -15.52 10.85
CA LEU C 89 -14.06 -15.11 10.37
C LEU C 89 -12.98 -15.44 11.38
N ASP C 90 -13.31 -15.44 12.68
CA ASP C 90 -12.36 -15.90 13.68
C ASP C 90 -12.08 -17.39 13.50
N LYS C 91 -13.11 -18.18 13.27
CA LYS C 91 -12.91 -19.61 13.05
C LYS C 91 -12.12 -19.89 11.77
N LEU C 92 -12.35 -19.10 10.72
CA LEU C 92 -11.55 -19.22 9.52
C LEU C 92 -10.08 -18.88 9.77
N LEU C 93 -9.83 -17.84 10.56
CA LEU C 93 -8.47 -17.42 10.88
C LEU C 93 -7.92 -18.07 12.13
N ASP C 94 -8.63 -19.05 12.69
CA ASP C 94 -8.25 -19.70 13.94
C ASP C 94 -8.13 -18.67 15.06
N ALA C 95 -9.30 -18.12 15.41
CA ALA C 95 -9.59 -17.15 16.46
C ALA C 95 -9.28 -15.71 16.03
N GLY C 96 -8.81 -15.47 14.81
CA GLY C 96 -8.70 -14.11 14.31
C GLY C 96 -7.31 -13.70 13.89
N LEU C 97 -7.05 -12.40 13.90
CA LEU C 97 -5.75 -11.86 13.51
C LEU C 97 -4.63 -12.41 14.38
N TYR C 98 -3.41 -12.18 13.94
CA TYR C 98 -2.21 -12.46 14.72
C TYR C 98 -1.32 -11.24 14.71
N THR C 99 -0.98 -10.75 15.89
CA THR C 99 -0.03 -9.65 16.00
C THR C 99 1.33 -10.08 15.45
N GLY C 100 1.93 -9.21 14.66
CA GLY C 100 3.21 -9.51 14.06
C GLY C 100 3.16 -9.97 12.63
N GLU C 101 2.00 -9.89 11.97
CA GLU C 101 1.86 -10.34 10.60
C GLU C 101 1.18 -9.27 9.78
N VAL C 102 1.40 -9.31 8.48
CA VAL C 102 0.62 -8.53 7.54
C VAL C 102 -0.55 -9.39 7.07
N THR C 103 -1.76 -8.92 7.35
CA THR C 103 -2.98 -9.58 6.93
C THR C 103 -3.59 -8.77 5.80
N GLU C 104 -3.92 -9.43 4.71
CA GLU C 104 -4.44 -8.76 3.52
C GLU C 104 -5.85 -9.27 3.26
N ILE C 105 -6.81 -8.34 3.24
CA ILE C 105 -8.21 -8.70 3.00
C ILE C 105 -8.47 -8.41 1.53
N VAL C 106 -8.23 -9.40 0.69
CA VAL C 106 -8.43 -9.26 -0.75
C VAL C 106 -9.91 -9.40 -1.05
N GLY C 107 -10.39 -8.65 -2.04
CA GLY C 107 -11.76 -8.78 -2.47
C GLY C 107 -12.06 -7.76 -3.56
N GLY C 108 -13.24 -7.89 -4.13
CA GLY C 108 -13.68 -6.97 -5.15
C GLY C 108 -14.35 -5.75 -4.56
N PRO C 109 -14.99 -4.94 -5.41
CA PRO C 109 -15.77 -3.81 -4.90
C PRO C 109 -16.95 -4.30 -4.07
N GLY C 110 -17.16 -3.68 -2.93
CA GLY C 110 -18.24 -4.09 -2.05
C GLY C 110 -18.10 -5.51 -1.56
N SER C 111 -16.87 -5.98 -1.36
CA SER C 111 -16.63 -7.35 -0.94
C SER C 111 -16.60 -7.52 0.57
N GLY C 112 -16.58 -6.43 1.32
CA GLY C 112 -16.55 -6.51 2.77
C GLY C 112 -15.20 -6.29 3.41
N LYS C 113 -14.15 -5.99 2.63
CA LYS C 113 -12.85 -5.77 3.24
C LYS C 113 -12.85 -4.53 4.12
N THR C 114 -13.47 -3.44 3.65
CA THR C 114 -13.61 -2.25 4.48
C THR C 114 -14.47 -2.54 5.69
N GLN C 115 -15.57 -3.28 5.52
CA GLN C 115 -16.44 -3.61 6.64
C GLN C 115 -15.74 -4.54 7.62
N VAL C 116 -14.98 -5.52 7.11
CA VAL C 116 -14.21 -6.40 7.99
C VAL C 116 -13.19 -5.59 8.79
N CYS C 117 -12.52 -4.64 8.14
CA CYS C 117 -11.55 -3.82 8.85
C CYS C 117 -12.22 -2.89 9.85
N LEU C 118 -13.40 -2.37 9.54
CA LEU C 118 -14.11 -1.53 10.49
C LEU C 118 -14.56 -2.32 11.70
N CYS C 119 -15.09 -3.54 11.48
CA CYS C 119 -15.45 -4.38 12.61
C CYS C 119 -14.21 -4.77 13.41
N MET C 120 -13.09 -4.98 12.73
CA MET C 120 -11.83 -5.27 13.39
C MET C 120 -11.42 -4.14 14.31
N ALA C 121 -11.45 -2.90 13.78
CA ALA C 121 -11.06 -1.73 14.56
C ALA C 121 -12.02 -1.51 15.72
N ALA C 122 -13.33 -1.66 15.49
CA ALA C 122 -14.30 -1.48 16.55
C ALA C 122 -14.09 -2.51 17.66
N ASN C 123 -13.87 -3.78 17.28
CA ASN C 123 -13.69 -4.83 18.28
C ASN C 123 -12.38 -4.65 19.04
N VAL C 124 -11.32 -4.20 18.36
CA VAL C 124 -10.05 -3.99 19.06
C VAL C 124 -10.14 -2.80 20.00
N ALA C 125 -10.73 -1.70 19.54
CA ALA C 125 -10.82 -0.51 20.36
C ALA C 125 -11.74 -0.72 21.56
N HIS C 126 -12.84 -1.44 21.36
CA HIS C 126 -13.80 -1.66 22.44
C HIS C 126 -13.57 -2.97 23.17
N GLY C 127 -13.51 -4.07 22.43
CA GLY C 127 -13.38 -5.37 23.07
C GLY C 127 -12.07 -5.54 23.82
N LEU C 128 -10.96 -5.18 23.18
CA LEU C 128 -9.65 -5.34 23.79
C LEU C 128 -9.07 -4.03 24.33
N GLN C 129 -9.81 -2.92 24.19
CA GLN C 129 -9.39 -1.63 24.73
C GLN C 129 -8.02 -1.21 24.21
N GLN C 130 -7.72 -1.56 22.96
CA GLN C 130 -6.43 -1.27 22.35
C GLN C 130 -6.60 -0.27 21.23
N ASN C 131 -5.65 0.65 21.11
CA ASN C 131 -5.71 1.66 20.06
C ASN C 131 -5.57 1.03 18.68
N VAL C 132 -6.21 1.66 17.71
CA VAL C 132 -6.15 1.25 16.31
C VAL C 132 -5.70 2.45 15.49
N LEU C 133 -4.89 2.21 14.47
CA LEU C 133 -4.61 3.20 13.44
C LEU C 133 -5.30 2.77 12.16
N TYR C 134 -6.15 3.62 11.61
CA TYR C 134 -6.80 3.36 10.34
C TYR C 134 -6.24 4.32 9.31
N VAL C 135 -5.44 3.80 8.39
CA VAL C 135 -4.85 4.59 7.31
C VAL C 135 -5.84 4.53 6.15
N ASP C 136 -6.81 5.45 6.17
CA ASP C 136 -7.79 5.54 5.11
C ASP C 136 -7.13 6.10 3.85
N SER C 137 -7.33 5.40 2.73
CA SER C 137 -6.71 5.82 1.48
C SER C 137 -7.74 5.97 0.38
N ASN C 138 -8.85 5.22 0.48
CA ASN C 138 -9.93 5.31 -0.49
C ASN C 138 -11.18 5.96 0.08
N GLY C 139 -11.10 6.52 1.28
CA GLY C 139 -12.25 7.15 1.89
C GLY C 139 -13.24 6.20 2.52
N GLY C 140 -12.91 4.91 2.62
CA GLY C 140 -13.87 3.94 3.10
C GLY C 140 -14.27 4.11 4.54
N LEU C 141 -13.33 4.54 5.39
CA LEU C 141 -13.62 4.67 6.81
C LEU C 141 -14.63 5.78 7.06
N THR C 142 -15.78 5.42 7.60
CA THR C 142 -16.78 6.36 8.07
C THR C 142 -16.94 6.17 9.57
N ALA C 143 -16.78 7.25 10.33
CA ALA C 143 -16.92 7.16 11.78
C ALA C 143 -18.35 6.84 12.20
N SER C 144 -19.33 7.12 11.34
CA SER C 144 -20.70 6.70 11.64
C SER C 144 -20.83 5.19 11.64
N ARG C 145 -20.15 4.51 10.71
CA ARG C 145 -20.19 3.05 10.69
C ARG C 145 -19.46 2.47 11.90
N LEU C 146 -18.34 3.08 12.30
CA LEU C 146 -17.67 2.64 13.51
C LEU C 146 -18.56 2.83 14.73
N LEU C 147 -19.27 3.96 14.79
CA LEU C 147 -20.19 4.18 15.89
C LEU C 147 -21.31 3.14 15.89
N GLN C 148 -21.82 2.80 14.70
CA GLN C 148 -22.85 1.77 14.60
C GLN C 148 -22.33 0.42 15.08
N LEU C 149 -21.11 0.06 14.71
CA LEU C 149 -20.52 -1.19 15.17
C LEU C 149 -20.35 -1.19 16.69
N LEU C 150 -19.89 -0.08 17.25
CA LEU C 150 -19.70 -0.02 18.70
C LEU C 150 -21.03 -0.06 19.43
N GLN C 151 -22.07 0.57 18.86
CA GLN C 151 -23.40 0.50 19.45
C GLN C 151 -23.94 -0.92 19.42
N ALA C 152 -23.66 -1.65 18.34
CA ALA C 152 -24.02 -3.07 18.31
C ALA C 152 -23.26 -3.84 19.38
N LYS C 153 -21.98 -3.53 19.58
CA LYS C 153 -21.18 -4.21 20.59
C LYS C 153 -21.67 -3.89 21.99
N THR C 154 -21.87 -2.61 22.29
CA THR C 154 -22.33 -2.18 23.60
C THR C 154 -23.19 -0.94 23.46
N GLN C 155 -24.05 -0.71 24.45
CA GLN C 155 -24.98 0.41 24.43
C GLN C 155 -24.63 1.47 25.47
N ASP C 156 -23.41 1.46 26.00
CA ASP C 156 -22.95 2.47 26.93
C ASP C 156 -22.28 3.61 26.16
N GLU C 157 -22.86 4.81 26.25
CA GLU C 157 -22.39 5.93 25.43
C GLU C 157 -20.95 6.29 25.74
N GLU C 158 -20.58 6.27 27.03
CA GLU C 158 -19.20 6.57 27.40
C GLU C 158 -18.23 5.55 26.82
N GLU C 159 -18.61 4.26 26.85
CA GLU C 159 -17.76 3.23 26.27
C GLU C 159 -17.62 3.42 24.77
N GLN C 160 -18.71 3.76 24.08
CA GLN C 160 -18.64 4.00 22.65
C GLN C 160 -17.75 5.19 22.33
N ALA C 161 -17.88 6.27 23.10
CA ALA C 161 -17.03 7.44 22.88
C ALA C 161 -15.57 7.11 23.12
N GLU C 162 -15.27 6.37 24.19
CA GLU C 162 -13.89 5.99 24.45
C GLU C 162 -13.34 5.13 23.32
N ALA C 163 -14.13 4.16 22.84
CA ALA C 163 -13.67 3.28 21.77
C ALA C 163 -13.44 4.06 20.49
N LEU C 164 -14.30 5.03 20.19
CA LEU C 164 -14.08 5.87 19.02
C LEU C 164 -12.81 6.70 19.19
N ARG C 165 -12.56 7.23 20.38
CA ARG C 165 -11.32 7.97 20.61
C ARG C 165 -10.10 7.07 20.49
N ARG C 166 -10.23 5.77 20.77
CA ARG C 166 -9.11 4.86 20.58
C ARG C 166 -8.73 4.71 19.11
N ILE C 167 -9.72 4.70 18.23
CA ILE C 167 -9.46 4.56 16.80
C ILE C 167 -8.97 5.89 16.25
N GLN C 168 -7.73 5.90 15.77
CA GLN C 168 -7.09 7.10 15.25
C GLN C 168 -7.09 7.02 13.73
N VAL C 169 -7.69 8.01 13.09
CA VAL C 169 -7.88 8.03 11.65
C VAL C 169 -6.79 8.88 11.04
N VAL C 170 -6.08 8.34 10.05
CA VAL C 170 -5.10 9.10 9.28
C VAL C 170 -5.38 8.87 7.81
N HIS C 171 -5.44 9.95 7.04
CA HIS C 171 -5.78 9.88 5.63
C HIS C 171 -4.50 10.04 4.81
N ALA C 172 -4.26 9.09 3.90
CA ALA C 172 -3.09 9.11 3.04
C ALA C 172 -3.49 8.54 1.70
N PHE C 173 -3.40 9.35 0.64
CA PHE C 173 -4.03 9.03 -0.63
C PHE C 173 -3.05 8.73 -1.77
N ASP C 174 -1.76 8.96 -1.57
CA ASP C 174 -0.74 8.47 -2.49
C ASP C 174 0.34 7.77 -1.68
N ILE C 175 1.26 7.12 -2.40
CA ILE C 175 2.23 6.25 -1.73
C ILE C 175 3.13 7.04 -0.81
N PHE C 176 3.44 8.30 -1.15
CA PHE C 176 4.37 9.06 -0.33
C PHE C 176 3.71 9.53 0.96
N GLN C 177 2.44 9.94 0.90
CA GLN C 177 1.72 10.23 2.13
C GLN C 177 1.60 9.00 3.01
N MET C 178 1.29 7.85 2.41
CA MET C 178 1.15 6.62 3.19
C MET C 178 2.49 6.22 3.82
N LEU C 179 3.59 6.35 3.08
CA LEU C 179 4.89 6.02 3.63
C LEU C 179 5.27 7.00 4.74
N ASP C 180 4.96 8.28 4.57
CA ASP C 180 5.18 9.25 5.64
C ASP C 180 4.38 8.88 6.87
N VAL C 181 3.14 8.45 6.68
CA VAL C 181 2.28 8.06 7.81
C VAL C 181 2.86 6.86 8.54
N LEU C 182 3.28 5.84 7.78
CA LEU C 182 3.81 4.63 8.40
C LEU C 182 5.14 4.92 9.10
N GLN C 183 5.98 5.76 8.50
CA GLN C 183 7.25 6.11 9.14
C GLN C 183 7.04 6.96 10.38
N GLU C 184 6.04 7.85 10.34
CA GLU C 184 5.69 8.62 11.52
C GLU C 184 5.17 7.72 12.63
N LEU C 185 4.39 6.69 12.26
CA LEU C 185 3.94 5.72 13.25
C LEU C 185 5.10 4.92 13.82
N ARG C 186 6.07 4.55 12.99
CA ARG C 186 7.24 3.84 13.49
C ARG C 186 8.02 4.71 14.47
N GLY C 187 8.20 5.99 14.14
CA GLY C 187 8.85 6.90 15.07
C GLY C 187 8.06 7.08 16.35
N THR C 188 6.73 7.17 16.24
CA THR C 188 5.89 7.31 17.42
C THR C 188 6.01 6.11 18.34
N VAL C 189 6.02 4.91 17.76
CA VAL C 189 6.13 3.69 18.57
C VAL C 189 7.52 3.59 19.17
N ALA C 190 8.55 4.01 18.43
CA ALA C 190 9.90 4.03 18.98
C ALA C 190 9.99 4.97 20.19
N GLN C 191 9.39 6.15 20.09
CA GLN C 191 9.37 7.07 21.22
C GLN C 191 8.55 6.52 22.38
N GLN C 192 7.42 5.88 22.09
CA GLN C 192 6.56 5.37 23.15
C GLN C 192 7.22 4.22 23.89
N VAL C 193 7.94 3.35 23.19
CA VAL C 193 8.60 2.22 23.83
C VAL C 193 9.92 2.67 24.43
N SER C 197 1.18 5.05 28.24
CA SER C 197 0.32 5.48 27.14
C SER C 197 -0.12 4.28 26.29
N GLY C 198 -1.36 4.33 25.81
CA GLY C 198 -1.87 3.29 24.94
C GLY C 198 -1.34 3.39 23.52
N THR C 199 -0.49 2.45 23.14
CA THR C 199 0.13 2.47 21.82
C THR C 199 -0.82 1.86 20.79
N VAL C 200 -0.52 2.14 19.52
CA VAL C 200 -1.31 1.59 18.42
C VAL C 200 -1.00 0.11 18.27
N LYS C 201 -2.05 -0.71 18.24
CA LYS C 201 -1.90 -2.15 18.12
C LYS C 201 -2.38 -2.72 16.78
N VAL C 202 -3.30 -2.06 16.11
CA VAL C 202 -3.79 -2.49 14.80
C VAL C 202 -3.58 -1.35 13.83
N VAL C 203 -2.97 -1.65 12.70
CA VAL C 203 -2.80 -0.69 11.62
C VAL C 203 -3.61 -1.20 10.45
N VAL C 204 -4.78 -0.62 10.24
CA VAL C 204 -5.59 -0.95 9.07
C VAL C 204 -5.19 0.00 7.95
N VAL C 205 -4.85 -0.56 6.80
CA VAL C 205 -4.49 0.22 5.63
C VAL C 205 -5.48 -0.18 4.54
N ASP C 206 -6.53 0.62 4.37
CA ASP C 206 -7.60 0.34 3.41
C ASP C 206 -7.64 1.52 2.45
N SER C 207 -7.05 1.36 1.27
CA SER C 207 -6.40 0.15 0.79
C SER C 207 -5.01 0.43 0.29
N VAL C 208 -4.11 -0.57 0.37
CA VAL C 208 -2.80 -0.42 -0.24
C VAL C 208 -2.92 -0.29 -1.75
N THR C 209 -3.78 -1.09 -2.37
CA THR C 209 -3.87 -1.10 -3.82
C THR C 209 -4.33 0.24 -4.37
N ALA C 210 -5.15 0.99 -3.63
CA ALA C 210 -5.59 2.30 -4.09
C ALA C 210 -4.42 3.25 -4.29
N VAL C 211 -3.44 3.25 -3.38
CA VAL C 211 -2.30 4.16 -3.51
C VAL C 211 -1.18 3.55 -4.33
N VAL C 212 -1.15 2.23 -4.51
CA VAL C 212 -0.05 1.60 -5.24
C VAL C 212 -0.37 1.50 -6.73
N SER C 213 -1.65 1.39 -7.08
CA SER C 213 -2.02 1.23 -8.48
C SER C 213 -1.54 2.37 -9.38
N PRO C 214 -1.65 3.64 -9.02
CA PRO C 214 -1.10 4.68 -9.91
C PRO C 214 0.38 4.52 -10.19
N LEU C 215 1.14 3.98 -9.23
CA LEU C 215 2.58 3.80 -9.43
C LEU C 215 2.87 2.80 -10.54
N LEU C 216 2.10 1.72 -10.59
CA LEU C 216 2.35 0.65 -11.54
C LEU C 216 2.00 1.11 -12.95
N GLY C 217 2.49 0.37 -13.93
CA GLY C 217 2.18 0.66 -15.32
C GLY C 217 3.15 1.63 -15.96
N GLY C 218 3.46 1.41 -17.22
CA GLY C 218 4.39 2.25 -17.94
C GLY C 218 5.81 1.75 -17.85
N GLN C 219 6.72 2.56 -18.38
CA GLN C 219 8.14 2.23 -18.39
C GLN C 219 8.84 2.88 -17.20
N GLN C 220 8.48 2.39 -16.01
CA GLN C 220 9.14 2.83 -14.79
C GLN C 220 9.05 1.70 -13.77
N ARG C 221 10.13 1.35 -13.09
CA ARG C 221 9.97 0.27 -12.10
C ARG C 221 10.02 0.87 -10.71
N GLU C 222 10.10 2.20 -10.59
CA GLU C 222 10.01 2.81 -9.27
C GLU C 222 8.64 2.62 -8.66
N GLY C 223 7.62 2.27 -9.46
CA GLY C 223 6.35 1.87 -8.88
C GLY C 223 6.48 0.57 -8.11
N LEU C 224 7.17 -0.41 -8.69
CA LEU C 224 7.44 -1.66 -7.98
C LEU C 224 8.25 -1.41 -6.73
N ALA C 225 9.21 -0.49 -6.80
CA ALA C 225 10.05 -0.19 -5.65
C ALA C 225 9.27 0.51 -4.55
N LEU C 226 8.39 1.44 -4.92
CA LEU C 226 7.55 2.08 -3.92
C LEU C 226 6.57 1.10 -3.30
N MET C 227 6.03 0.19 -4.10
CA MET C 227 5.19 -0.87 -3.56
C MET C 227 5.97 -1.74 -2.58
N MET C 228 7.21 -2.09 -2.92
CA MET C 228 7.99 -2.95 -2.05
C MET C 228 8.47 -2.21 -0.82
N GLN C 229 8.71 -0.91 -0.93
CA GLN C 229 9.02 -0.09 0.25
C GLN C 229 7.82 0.02 1.17
N LEU C 230 6.62 0.17 0.60
CA LEU C 230 5.41 0.11 1.42
C LEU C 230 5.29 -1.25 2.10
N ALA C 231 5.61 -2.32 1.38
CA ALA C 231 5.61 -3.65 1.98
C ALA C 231 6.60 -3.74 3.13
N ARG C 232 7.80 -3.18 2.96
CA ARG C 232 8.80 -3.20 4.01
C ARG C 232 8.32 -2.41 5.23
N GLU C 233 7.69 -1.26 5.00
CA GLU C 233 7.15 -0.50 6.13
C GLU C 233 6.07 -1.27 6.86
N LEU C 234 5.17 -1.91 6.10
CA LEU C 234 4.11 -2.69 6.73
C LEU C 234 4.66 -3.86 7.51
N LYS C 235 5.70 -4.52 6.99
CA LYS C 235 6.28 -5.67 7.65
C LYS C 235 7.15 -5.28 8.85
N THR C 236 7.79 -4.11 8.81
CA THR C 236 8.49 -3.63 9.99
C THR C 236 7.49 -3.22 11.07
N LEU C 237 6.37 -2.60 10.67
CA LEU C 237 5.30 -2.33 11.62
C LEU C 237 4.78 -3.62 12.24
N ALA C 238 4.59 -4.65 11.41
CA ALA C 238 4.03 -5.90 11.91
C ALA C 238 5.01 -6.63 12.81
N ARG C 239 6.19 -6.97 12.28
CA ARG C 239 7.10 -7.82 13.03
C ARG C 239 7.91 -7.04 14.05
N ASP C 240 8.70 -6.07 13.58
CA ASP C 240 9.62 -5.38 14.48
C ASP C 240 8.88 -4.56 15.53
N LEU C 241 7.78 -3.91 15.15
CA LEU C 241 7.00 -3.14 16.11
C LEU C 241 5.87 -3.92 16.75
N GLY C 242 5.64 -5.17 16.33
CA GLY C 242 4.70 -6.03 17.02
C GLY C 242 3.26 -5.55 17.07
N MET C 243 2.72 -5.15 15.92
CA MET C 243 1.33 -4.75 15.82
C MET C 243 0.70 -5.32 14.56
N ALA C 244 -0.57 -5.69 14.65
CA ALA C 244 -1.22 -6.40 13.55
C ALA C 244 -1.56 -5.42 12.44
N VAL C 245 -0.94 -5.62 11.27
CA VAL C 245 -1.19 -4.80 10.10
C VAL C 245 -2.21 -5.52 9.23
N VAL C 246 -3.32 -4.85 8.93
CA VAL C 246 -4.38 -5.39 8.11
C VAL C 246 -4.50 -4.48 6.89
N VAL C 247 -3.87 -4.86 5.81
CA VAL C 247 -4.01 -4.14 4.57
C VAL C 247 -5.17 -4.75 3.80
N THR C 248 -5.83 -3.95 2.98
CA THR C 248 -6.85 -4.45 2.10
C THR C 248 -6.40 -4.26 0.66
N ASN C 249 -6.62 -5.26 -0.16
CA ASN C 249 -6.12 -5.27 -1.52
C ASN C 249 -7.28 -5.60 -2.46
N HIS C 250 -7.21 -5.09 -3.69
CA HIS C 250 -8.23 -5.40 -4.66
C HIS C 250 -7.99 -6.80 -5.23
N ILE C 251 -8.85 -7.24 -6.13
CA ILE C 251 -8.75 -8.56 -6.73
C ILE C 251 -8.82 -8.41 -8.24
N THR C 252 -8.03 -9.22 -8.94
CA THR C 252 -7.89 -9.11 -10.38
C THR C 252 -7.86 -10.50 -11.01
N ARG C 253 -8.29 -10.57 -12.26
CA ARG C 253 -8.31 -11.82 -13.02
C ARG C 253 -7.10 -11.86 -13.94
N ASP C 254 -6.27 -12.88 -13.78
CA ASP C 254 -5.11 -13.06 -14.65
C ASP C 254 -5.55 -13.26 -16.09
N ARG C 255 -4.90 -12.58 -17.03
CA ARG C 255 -5.32 -12.65 -18.46
C ARG C 255 -4.72 -13.86 -19.17
N ASP C 256 -4.34 -14.90 -18.44
CA ASP C 256 -3.88 -16.14 -19.05
C ASP C 256 -4.65 -17.36 -18.56
N SER C 257 -5.25 -17.31 -17.38
CA SER C 257 -5.96 -18.44 -16.79
C SER C 257 -7.39 -18.12 -16.40
N GLY C 258 -7.77 -16.85 -16.37
CA GLY C 258 -9.11 -16.48 -15.92
C GLY C 258 -9.37 -16.79 -14.48
N ARG C 259 -8.37 -16.67 -13.62
CA ARG C 259 -8.48 -17.01 -12.21
C ARG C 259 -8.31 -15.75 -11.38
N LEU C 260 -9.11 -15.62 -10.32
CA LEU C 260 -9.00 -14.47 -9.43
C LEU C 260 -7.74 -14.59 -8.58
N LYS C 261 -7.11 -13.45 -8.32
CA LYS C 261 -5.84 -13.40 -7.63
C LYS C 261 -5.69 -12.01 -7.03
N PRO C 262 -4.85 -11.85 -6.01
CA PRO C 262 -4.65 -10.52 -5.43
C PRO C 262 -4.03 -9.57 -6.42
N ALA C 263 -4.41 -8.30 -6.32
CA ALA C 263 -3.88 -7.29 -7.22
C ALA C 263 -2.43 -6.96 -6.84
N LEU C 264 -1.88 -5.97 -7.53
CA LEU C 264 -0.50 -5.49 -7.38
C LEU C 264 0.53 -6.52 -7.81
N GLY C 265 0.12 -7.61 -8.46
CA GLY C 265 1.05 -8.47 -9.16
C GLY C 265 1.77 -9.49 -8.30
N ARG C 266 2.67 -10.21 -8.97
CA ARG C 266 3.42 -11.28 -8.33
C ARG C 266 4.30 -10.76 -7.20
N SER C 267 4.93 -9.60 -7.41
CA SER C 267 5.84 -9.06 -6.39
C SER C 267 5.10 -8.82 -5.09
N TRP C 268 3.88 -8.29 -5.16
CA TRP C 268 3.09 -8.07 -3.95
C TRP C 268 2.43 -9.36 -3.45
N SER C 269 2.25 -10.35 -4.31
CA SER C 269 1.59 -11.57 -3.87
C SER C 269 2.31 -12.26 -2.72
N PHE C 270 3.61 -11.99 -2.54
CA PHE C 270 4.38 -12.56 -1.45
C PHE C 270 4.36 -11.72 -0.19
N VAL C 271 3.71 -10.56 -0.21
CA VAL C 271 3.86 -9.57 0.86
C VAL C 271 3.05 -9.89 2.10
N PRO C 272 1.77 -10.25 2.01
CA PRO C 272 1.01 -10.51 3.24
C PRO C 272 1.32 -11.89 3.80
N SER C 273 1.57 -11.94 5.10
CA SER C 273 1.75 -13.22 5.76
C SER C 273 0.46 -14.02 5.77
N THR C 274 -0.67 -13.34 5.94
CA THR C 274 -1.98 -13.98 5.91
C THR C 274 -2.84 -13.24 4.91
N ARG C 275 -3.76 -13.95 4.26
CA ARG C 275 -4.60 -13.31 3.27
C ARG C 275 -5.97 -13.97 3.24
N ILE C 276 -7.00 -13.16 3.32
CA ILE C 276 -8.39 -13.60 3.33
C ILE C 276 -9.06 -13.04 2.08
N LEU C 277 -9.56 -13.92 1.23
CA LEU C 277 -10.20 -13.51 0.00
C LEU C 277 -11.71 -13.56 0.22
N LEU C 278 -12.35 -12.40 0.15
CA LEU C 278 -13.78 -12.25 0.36
C LEU C 278 -14.46 -12.13 -1.00
N ASP C 279 -15.54 -12.87 -1.19
CA ASP C 279 -16.30 -12.78 -2.43
C ASP C 279 -17.77 -13.00 -2.15
N THR C 280 -18.61 -12.63 -3.11
CA THR C 280 -20.05 -12.64 -2.92
C THR C 280 -20.63 -14.03 -3.19
N ILE C 281 -21.85 -14.25 -2.69
CA ILE C 281 -22.55 -15.50 -2.91
C ILE C 281 -23.17 -15.47 -4.31
N GLU C 282 -22.92 -16.53 -5.08
CA GLU C 282 -23.44 -16.58 -6.44
C GLU C 282 -24.96 -16.69 -6.47
N GLY C 283 -25.56 -17.28 -5.43
CA GLY C 283 -26.99 -17.45 -5.38
C GLY C 283 -27.66 -16.56 -4.35
N SER C 287 -27.61 -13.58 -0.46
CA SER C 287 -27.91 -12.31 0.20
C SER C 287 -26.75 -11.34 0.07
N GLY C 288 -27.04 -10.05 0.17
CA GLY C 288 -25.99 -9.05 0.11
C GLY C 288 -25.06 -9.11 1.31
N GLY C 289 -25.60 -9.34 2.50
CA GLY C 289 -24.77 -9.39 3.68
C GLY C 289 -23.83 -10.58 3.70
N ARG C 290 -24.29 -11.74 3.21
CA ARG C 290 -23.48 -12.94 3.27
C ARG C 290 -22.36 -12.90 2.25
N ARG C 291 -21.16 -13.29 2.68
CA ARG C 291 -19.98 -13.33 1.84
C ARG C 291 -19.19 -14.59 2.17
N MET C 292 -18.65 -15.23 1.14
CA MET C 292 -17.73 -16.33 1.34
C MET C 292 -16.33 -15.79 1.59
N ALA C 293 -15.71 -16.27 2.66
CA ALA C 293 -14.36 -15.89 3.05
C ALA C 293 -13.47 -17.11 2.91
N CYS C 294 -12.41 -16.98 2.12
CA CYS C 294 -11.45 -18.05 1.89
C CYS C 294 -10.11 -17.65 2.49
N LEU C 295 -9.37 -18.64 2.96
CA LEU C 295 -7.99 -18.38 3.39
C LEU C 295 -7.10 -18.59 2.17
N ALA C 296 -7.00 -17.53 1.36
CA ALA C 296 -6.28 -17.63 0.09
C ALA C 296 -4.79 -17.80 0.31
N LYS C 297 -4.26 -17.29 1.43
CA LYS C 297 -2.86 -17.44 1.77
C LYS C 297 -2.72 -17.49 3.28
N SER C 298 -1.87 -18.40 3.76
CA SER C 298 -1.63 -18.49 5.19
C SER C 298 -0.29 -19.16 5.43
N SER C 299 0.22 -18.99 6.65
CA SER C 299 1.47 -19.60 7.04
C SER C 299 1.30 -20.69 8.08
N ARG C 300 0.13 -20.81 8.69
CA ARG C 300 -0.10 -21.79 9.75
C ARG C 300 -1.40 -22.56 9.58
N GLN C 301 -2.14 -22.36 8.48
CA GLN C 301 -3.42 -22.99 8.28
C GLN C 301 -3.62 -23.38 6.83
N PRO C 302 -4.29 -24.50 6.56
CA PRO C 302 -4.49 -24.91 5.16
C PRO C 302 -5.22 -23.86 4.34
N THR C 303 -4.80 -23.71 3.10
CA THR C 303 -5.37 -22.74 2.17
C THR C 303 -6.65 -23.28 1.57
N GLY C 304 -7.63 -22.38 1.39
CA GLY C 304 -8.84 -22.70 0.67
C GLY C 304 -10.07 -22.97 1.52
N PHE C 305 -9.97 -22.86 2.85
CA PHE C 305 -11.12 -23.10 3.69
C PHE C 305 -12.16 -22.01 3.51
N GLN C 306 -13.43 -22.42 3.36
CA GLN C 306 -14.54 -21.53 3.09
C GLN C 306 -15.34 -21.30 4.36
N GLU C 307 -15.67 -20.05 4.64
CA GLU C 307 -16.57 -19.69 5.73
C GLU C 307 -17.55 -18.65 5.23
N MET C 308 -18.63 -18.45 5.99
CA MET C 308 -19.67 -17.51 5.64
C MET C 308 -19.68 -16.38 6.67
N VAL C 309 -19.53 -15.15 6.21
CA VAL C 309 -19.57 -13.98 7.08
C VAL C 309 -20.76 -13.11 6.67
N ASP C 310 -21.62 -12.80 7.61
CA ASP C 310 -22.83 -12.02 7.35
C ASP C 310 -22.67 -10.66 8.01
N ILE C 311 -22.43 -9.63 7.20
CA ILE C 311 -22.14 -8.30 7.74
C ILE C 311 -23.31 -7.76 8.54
N GLY C 312 -24.53 -8.20 8.22
CA GLY C 312 -25.69 -7.73 8.93
C GLY C 312 -25.78 -8.18 10.37
N THR C 313 -25.05 -9.24 10.73
CA THR C 313 -25.14 -9.76 12.10
C THR C 313 -24.49 -8.82 13.11
N TRP C 314 -23.54 -8.00 12.68
CA TRP C 314 -22.94 -6.98 13.54
C TRP C 314 -23.24 -5.61 12.95
N GLY C 315 -23.77 -4.71 13.78
CA GLY C 315 -24.13 -3.39 13.34
C GLY C 315 -25.58 -3.03 13.62
N ARG D 21 31.04 -32.35 7.89
CA ARG D 21 29.76 -32.30 8.60
C ARG D 21 28.73 -33.18 7.92
N SER D 22 27.45 -32.84 8.08
CA SER D 22 26.39 -33.66 7.54
C SER D 22 26.35 -33.58 6.02
N SER D 23 25.76 -34.60 5.41
CA SER D 23 25.66 -34.70 3.96
C SER D 23 24.32 -34.16 3.49
N LEU D 24 24.23 -33.86 2.19
CA LEU D 24 23.01 -33.30 1.64
C LEU D 24 21.93 -34.37 1.47
N LYS D 25 22.33 -35.63 1.29
CA LYS D 25 21.34 -36.69 1.11
C LYS D 25 20.49 -36.89 2.35
N GLU D 26 21.09 -36.82 3.53
CA GLU D 26 20.33 -37.00 4.76
C GLU D 26 19.56 -35.76 5.17
N ILE D 27 19.83 -34.60 4.56
CA ILE D 27 19.07 -33.39 4.89
C ILE D 27 17.60 -33.60 4.59
N GLU D 28 17.29 -34.16 3.43
CA GLU D 28 15.94 -34.62 3.13
C GLU D 28 16.06 -35.69 2.06
N PRO D 29 15.74 -36.95 2.39
CA PRO D 29 16.07 -38.04 1.46
C PRO D 29 15.40 -37.96 0.10
N ASN D 30 14.19 -37.39 0.00
CA ASN D 30 13.46 -37.49 -1.26
C ASN D 30 14.03 -36.56 -2.33
N LEU D 31 14.35 -35.32 -1.97
CA LEU D 31 14.90 -34.40 -2.95
C LEU D 31 16.29 -34.83 -3.41
N PHE D 32 17.07 -35.44 -2.54
CA PHE D 32 18.49 -35.70 -2.79
C PHE D 32 18.73 -37.20 -2.86
N ALA D 33 18.61 -37.75 -4.07
CA ALA D 33 18.95 -39.15 -4.28
C ALA D 33 20.46 -39.36 -4.29
N ASP D 34 21.23 -38.32 -4.59
CA ASP D 34 22.68 -38.40 -4.63
C ASP D 34 23.26 -38.59 -3.22
N GLY D 41 29.05 -28.07 0.74
CA GLY D 41 29.13 -26.64 0.47
C GLY D 41 28.30 -26.23 -0.72
N ASP D 42 27.08 -26.73 -0.78
CA ASP D 42 26.18 -26.47 -1.91
C ASP D 42 25.35 -25.22 -1.65
N ILE D 43 24.92 -24.60 -2.74
CA ILE D 43 23.96 -23.50 -2.71
C ILE D 43 22.74 -23.98 -3.49
N LEU D 44 21.59 -24.00 -2.83
CA LEU D 44 20.35 -24.43 -3.46
C LEU D 44 19.34 -23.31 -3.43
N GLU D 45 18.56 -23.21 -4.48
CA GLU D 45 17.55 -22.16 -4.62
C GLU D 45 16.16 -22.78 -4.59
N PHE D 46 15.24 -22.10 -3.92
CA PHE D 46 13.82 -22.44 -3.97
C PHE D 46 13.11 -21.32 -4.73
N HIS D 47 12.43 -21.68 -5.81
CA HIS D 47 11.81 -20.71 -6.68
C HIS D 47 10.37 -21.09 -6.91
N GLY D 48 9.45 -20.15 -6.67
CA GLY D 48 8.06 -20.42 -6.90
C GLY D 48 7.15 -19.32 -6.39
N PRO D 49 5.90 -19.31 -6.84
CA PRO D 49 4.96 -18.27 -6.43
C PRO D 49 4.59 -18.38 -4.96
N GLU D 50 3.69 -17.51 -4.51
CA GLU D 50 3.27 -17.54 -3.12
C GLU D 50 2.41 -18.76 -2.83
N GLY D 51 2.55 -19.28 -1.61
CA GLY D 51 1.77 -20.44 -1.21
C GLY D 51 2.10 -21.70 -1.95
N THR D 52 3.34 -21.87 -2.38
CA THR D 52 3.78 -23.08 -3.06
C THR D 52 4.69 -23.94 -2.20
N GLY D 53 4.90 -23.56 -0.94
CA GLY D 53 5.60 -24.40 0.00
C GLY D 53 7.08 -24.13 0.16
N LYS D 54 7.60 -23.01 -0.36
CA LYS D 54 9.02 -22.73 -0.22
C LYS D 54 9.41 -22.56 1.25
N THR D 55 8.69 -21.68 1.96
CA THR D 55 8.96 -21.52 3.39
C THR D 55 8.57 -22.76 4.16
N GLU D 56 7.58 -23.51 3.67
CA GLU D 56 7.22 -24.76 4.35
C GLU D 56 8.26 -25.83 4.13
N MET D 57 8.86 -25.89 2.93
CA MET D 57 9.98 -26.79 2.74
C MET D 57 11.16 -26.38 3.60
N LEU D 58 11.34 -25.07 3.79
CA LEU D 58 12.38 -24.58 4.69
C LEU D 58 12.09 -24.99 6.12
N TYR D 59 10.82 -24.97 6.52
CA TYR D 59 10.41 -25.48 7.84
C TYR D 59 10.70 -26.96 7.96
N HIS D 60 10.44 -27.73 6.90
CA HIS D 60 10.69 -29.16 6.93
C HIS D 60 12.18 -29.47 7.07
N LEU D 61 13.02 -28.73 6.34
CA LEU D 61 14.46 -28.89 6.48
C LEU D 61 14.94 -28.46 7.86
N THR D 62 14.38 -27.37 8.38
CA THR D 62 14.70 -26.94 9.73
C THR D 62 14.34 -28.01 10.75
N ALA D 63 13.16 -28.63 10.59
CA ALA D 63 12.76 -29.68 11.52
C ALA D 63 13.68 -30.89 11.40
N ARG D 64 13.99 -31.32 10.18
CA ARG D 64 14.88 -32.46 10.01
C ARG D 64 16.28 -32.17 10.55
N CYS D 65 16.66 -30.90 10.66
CA CYS D 65 17.99 -30.56 11.14
C CYS D 65 18.05 -30.25 12.63
N ILE D 66 16.95 -29.79 13.24
CA ILE D 66 16.98 -29.38 14.64
C ILE D 66 16.30 -30.38 15.58
N LEU D 67 15.46 -31.27 15.06
CA LEU D 67 14.93 -32.34 15.89
C LEU D 67 16.05 -33.27 16.35
N PRO D 68 15.96 -33.82 17.55
CA PRO D 68 17.05 -34.62 18.09
C PRO D 68 17.23 -35.92 17.34
N LYS D 69 18.39 -36.55 17.58
CA LYS D 69 18.68 -37.85 16.98
C LYS D 69 17.69 -38.91 17.45
N SER D 70 17.16 -38.76 18.67
CA SER D 70 16.16 -39.71 19.17
C SER D 70 14.90 -39.68 18.33
N GLU D 71 14.43 -38.48 17.97
CA GLU D 71 13.24 -38.37 17.14
C GLU D 71 13.52 -38.79 15.71
N GLY D 72 14.69 -38.47 15.18
CA GLY D 72 15.02 -38.80 13.81
C GLY D 72 15.62 -37.63 13.06
N GLY D 73 15.98 -36.57 13.78
CA GLY D 73 16.60 -35.40 13.19
C GLY D 73 18.12 -35.42 13.32
N LEU D 74 18.74 -34.47 12.63
CA LEU D 74 20.20 -34.38 12.61
C LEU D 74 20.79 -33.66 13.81
N GLU D 75 19.98 -32.95 14.59
CA GLU D 75 20.44 -32.20 15.75
C GLU D 75 21.58 -31.26 15.38
N VAL D 76 21.33 -30.41 14.39
CA VAL D 76 22.29 -29.41 13.95
C VAL D 76 21.60 -28.06 13.86
N GLU D 77 22.32 -27.00 14.23
CA GLU D 77 21.74 -25.67 14.24
C GLU D 77 21.45 -25.18 12.84
N VAL D 78 20.37 -24.42 12.70
CA VAL D 78 19.91 -23.90 11.41
C VAL D 78 19.73 -22.39 11.56
N LEU D 79 20.27 -21.64 10.60
CA LEU D 79 20.11 -20.19 10.57
C LEU D 79 19.13 -19.82 9.47
N PHE D 80 18.20 -18.94 9.80
CA PHE D 80 17.13 -18.52 8.91
C PHE D 80 17.19 -17.01 8.79
N ILE D 81 17.27 -16.51 7.56
CA ILE D 81 17.36 -15.08 7.31
C ILE D 81 16.04 -14.62 6.72
N ASP D 82 15.29 -13.83 7.49
CA ASP D 82 14.04 -13.21 7.04
C ASP D 82 14.39 -11.88 6.39
N THR D 83 14.64 -11.92 5.10
CA THR D 83 14.63 -10.68 4.34
C THR D 83 13.22 -10.30 3.92
N ASP D 84 12.24 -11.12 4.28
CA ASP D 84 10.87 -10.99 3.79
C ASP D 84 9.85 -11.03 4.92
N TYR D 85 10.28 -11.38 6.14
CA TYR D 85 9.50 -11.21 7.37
C TYR D 85 8.27 -12.13 7.43
N HIS D 86 8.32 -13.30 6.79
CA HIS D 86 7.22 -14.24 6.87
C HIS D 86 7.48 -15.45 7.75
N PHE D 87 8.59 -15.48 8.48
CA PHE D 87 8.85 -16.63 9.32
C PHE D 87 7.85 -16.66 10.47
N ASP D 88 6.89 -17.56 10.38
CA ASP D 88 5.90 -17.77 11.43
C ASP D 88 6.50 -18.70 12.48
N MET D 89 6.80 -18.15 13.65
CA MET D 89 7.34 -18.97 14.72
C MET D 89 6.33 -20.00 15.19
N LEU D 90 5.06 -19.62 15.26
CA LEU D 90 4.01 -20.55 15.66
C LEU D 90 3.92 -21.72 14.70
N ARG D 91 4.08 -21.47 13.40
CA ARG D 91 4.06 -22.55 12.43
C ARG D 91 5.20 -23.53 12.66
N LEU D 92 6.41 -23.01 12.90
CA LEU D 92 7.54 -23.88 13.15
C LEU D 92 7.33 -24.72 14.40
N VAL D 93 6.78 -24.10 15.45
CA VAL D 93 6.54 -24.84 16.69
C VAL D 93 5.46 -25.90 16.47
N THR D 94 4.42 -25.59 15.71
CA THR D 94 3.39 -26.59 15.41
C THR D 94 3.98 -27.76 14.63
N ILE D 95 4.79 -27.46 13.62
CA ILE D 95 5.43 -28.51 12.84
C ILE D 95 6.29 -29.38 13.74
N LEU D 96 7.10 -28.76 14.61
CA LEU D 96 7.93 -29.52 15.53
C LEU D 96 7.06 -30.40 16.43
N GLU D 97 6.08 -29.81 17.11
CA GLU D 97 5.24 -30.56 18.03
C GLU D 97 4.63 -31.78 17.35
N HIS D 98 4.29 -31.64 16.07
CA HIS D 98 3.75 -32.80 15.36
C HIS D 98 4.84 -33.80 14.96
N ARG D 99 6.05 -33.32 14.67
CA ARG D 99 7.12 -34.24 14.28
C ARG D 99 7.52 -35.16 15.44
N LEU D 100 7.61 -34.61 16.65
CA LEU D 100 7.95 -35.44 17.79
C LEU D 100 6.88 -36.49 18.05
N SER D 101 7.32 -37.69 18.46
CA SER D 101 6.38 -38.69 18.93
C SER D 101 5.68 -38.22 20.20
N GLN D 102 6.44 -37.62 21.13
CA GLN D 102 5.89 -37.03 22.34
C GLN D 102 6.42 -35.61 22.46
N SER D 103 5.53 -34.63 22.45
CA SER D 103 5.90 -33.22 22.44
C SER D 103 5.71 -32.62 23.82
N SER D 104 6.71 -31.87 24.27
CA SER D 104 6.65 -31.16 25.54
C SER D 104 7.29 -29.79 25.37
N GLU D 105 6.96 -28.88 26.28
CA GLU D 105 7.46 -27.51 26.18
C GLU D 105 8.98 -27.46 26.30
N GLU D 106 9.54 -28.21 27.24
CA GLU D 106 10.99 -28.20 27.43
C GLU D 106 11.71 -28.73 26.20
N ILE D 107 11.20 -29.82 25.61
CA ILE D 107 11.86 -30.40 24.45
C ILE D 107 11.74 -29.47 23.24
N ILE D 108 10.59 -28.81 23.10
CA ILE D 108 10.43 -27.85 22.00
C ILE D 108 11.39 -26.67 22.18
N LYS D 109 11.55 -26.19 23.42
CA LYS D 109 12.51 -25.12 23.65
C LYS D 109 13.93 -25.58 23.34
N TYR D 110 14.27 -26.82 23.70
CA TYR D 110 15.58 -27.35 23.36
C TYR D 110 15.78 -27.40 21.85
N CYS D 111 14.76 -27.86 21.12
CA CYS D 111 14.87 -27.96 19.67
C CYS D 111 14.98 -26.59 19.02
N LEU D 112 14.28 -25.59 19.56
CA LEU D 112 14.37 -24.24 19.03
C LEU D 112 15.66 -23.54 19.42
N GLY D 113 16.34 -24.01 20.47
CA GLY D 113 17.64 -23.46 20.80
C GLY D 113 18.67 -23.65 19.69
N ARG D 114 18.46 -24.67 18.85
CA ARG D 114 19.32 -24.85 17.68
C ARG D 114 18.98 -23.86 16.57
N PHE D 115 17.72 -23.46 16.47
CA PHE D 115 17.29 -22.54 15.43
C PHE D 115 17.73 -21.11 15.76
N PHE D 116 18.10 -20.36 14.72
CA PHE D 116 18.48 -18.96 14.85
C PHE D 116 17.82 -18.15 13.74
N LEU D 117 17.41 -16.94 14.06
CA LEU D 117 16.72 -16.06 13.11
C LEU D 117 17.40 -14.71 13.04
N VAL D 118 17.59 -14.24 11.81
CA VAL D 118 18.10 -12.89 11.54
C VAL D 118 17.05 -12.17 10.73
N TYR D 119 16.83 -10.89 11.05
CA TYR D 119 15.87 -10.06 10.33
C TYR D 119 16.63 -9.02 9.52
N CYS D 120 16.46 -9.03 8.20
CA CYS D 120 17.13 -8.09 7.32
C CYS D 120 16.08 -7.23 6.62
N SER D 121 16.24 -5.91 6.75
CA SER D 121 15.27 -4.97 6.22
C SER D 121 15.69 -4.38 4.87
N SER D 122 16.95 -4.51 4.49
CA SER D 122 17.42 -3.98 3.22
C SER D 122 18.63 -4.81 2.78
N SER D 123 18.96 -4.67 1.49
CA SER D 123 20.11 -5.39 0.96
C SER D 123 21.41 -4.92 1.60
N THR D 124 21.53 -3.63 1.92
CA THR D 124 22.66 -3.17 2.71
C THR D 124 22.62 -3.79 4.10
N HIS D 125 21.44 -3.84 4.71
CA HIS D 125 21.29 -4.51 6.00
C HIS D 125 21.62 -5.99 5.87
N LEU D 126 21.22 -6.61 4.76
CA LEU D 126 21.57 -8.01 4.54
C LEU D 126 23.07 -8.20 4.44
N LEU D 127 23.76 -7.29 3.74
CA LEU D 127 25.21 -7.42 3.61
C LEU D 127 25.91 -7.25 4.95
N LEU D 128 25.49 -6.26 5.74
CA LEU D 128 26.08 -6.11 7.07
C LEU D 128 25.78 -7.30 7.96
N THR D 129 24.55 -7.83 7.89
CA THR D 129 24.23 -9.01 8.68
C THR D 129 25.10 -10.19 8.25
N LEU D 130 25.36 -10.35 6.96
CA LEU D 130 26.21 -11.44 6.50
C LEU D 130 27.64 -11.27 7.01
N TYR D 131 28.18 -10.05 6.93
CA TYR D 131 29.53 -9.82 7.42
C TYR D 131 29.64 -10.04 8.91
N SER D 132 28.59 -9.74 9.67
CA SER D 132 28.59 -10.08 11.09
C SER D 132 28.33 -11.55 11.34
N LEU D 133 27.60 -12.22 10.45
CA LEU D 133 27.28 -13.62 10.57
C LEU D 133 28.49 -14.49 10.35
N GLU D 134 29.48 -14.00 9.61
CA GLU D 134 30.74 -14.72 9.52
C GLU D 134 31.33 -14.99 10.91
N SER D 135 31.25 -14.01 11.80
CA SER D 135 31.81 -14.08 13.14
C SER D 135 31.03 -15.02 14.07
N MET D 136 29.79 -15.35 13.74
CA MET D 136 29.06 -16.38 14.47
C MET D 136 29.19 -17.75 13.83
N PHE D 137 29.34 -17.81 12.51
CA PHE D 137 29.62 -19.07 11.85
C PHE D 137 30.95 -19.63 12.34
N CYS D 138 31.93 -18.75 12.53
CA CYS D 138 33.18 -19.18 13.13
C CYS D 138 32.96 -19.74 14.53
N SER D 139 32.01 -19.16 15.27
CA SER D 139 31.76 -19.59 16.65
C SER D 139 30.96 -20.90 16.72
N HIS D 140 29.96 -21.07 15.85
CA HIS D 140 29.10 -22.25 15.93
C HIS D 140 29.50 -23.27 14.88
N PRO D 141 30.10 -24.39 15.27
CA PRO D 141 30.50 -25.40 14.27
C PRO D 141 29.34 -26.26 13.80
N SER D 142 28.33 -26.43 14.65
CA SER D 142 27.23 -27.32 14.36
C SER D 142 26.18 -26.70 13.43
N LEU D 143 26.25 -25.41 13.16
CA LEU D 143 25.28 -24.76 12.30
C LEU D 143 25.65 -25.08 10.86
N CYS D 144 25.02 -26.11 10.30
CA CYS D 144 25.40 -26.59 8.98
C CYS D 144 24.55 -26.05 7.85
N LEU D 145 23.32 -25.64 8.12
CA LEU D 145 22.37 -25.25 7.10
C LEU D 145 22.04 -23.77 7.27
N LEU D 146 21.88 -23.07 6.15
CA LEU D 146 21.64 -21.63 6.13
C LEU D 146 20.47 -21.35 5.19
N ILE D 147 19.30 -21.12 5.76
CA ILE D 147 18.12 -20.73 5.00
C ILE D 147 18.14 -19.23 4.82
N LEU D 148 17.85 -18.76 3.62
CA LEU D 148 17.79 -17.33 3.35
C LEU D 148 16.50 -17.09 2.58
N ASP D 149 15.49 -16.58 3.30
CA ASP D 149 14.12 -16.43 2.81
C ASP D 149 13.70 -14.98 3.00
N SER D 150 13.63 -14.22 1.91
CA SER D 150 13.91 -14.60 0.53
C SER D 150 14.98 -13.69 -0.05
N LEU D 151 15.84 -14.22 -0.91
CA LEU D 151 16.95 -13.41 -1.42
C LEU D 151 16.47 -12.30 -2.33
N SER D 152 15.35 -12.49 -3.01
CA SER D 152 14.84 -11.54 -3.98
C SER D 152 13.99 -10.44 -3.34
N ALA D 153 13.82 -10.47 -2.02
CA ALA D 153 12.90 -9.53 -1.36
C ALA D 153 13.29 -8.07 -1.60
N PHE D 154 14.57 -7.77 -1.78
CA PHE D 154 15.03 -6.42 -2.03
C PHE D 154 15.41 -6.19 -3.49
N TYR D 155 15.00 -7.07 -4.39
CA TYR D 155 15.39 -6.92 -5.79
C TYR D 155 14.92 -5.58 -6.34
N TRP D 156 13.60 -5.35 -6.31
CA TRP D 156 13.03 -4.17 -6.97
C TRP D 156 13.66 -2.89 -6.45
N ILE D 157 13.72 -2.73 -5.13
CA ILE D 157 14.35 -1.55 -4.55
C ILE D 157 15.77 -1.42 -5.08
N ASP D 158 16.54 -2.51 -4.98
CA ASP D 158 17.92 -2.46 -5.44
C ASP D 158 18.01 -2.04 -6.90
N ARG D 159 16.99 -2.39 -7.69
CA ARG D 159 17.11 -2.13 -9.11
C ARG D 159 16.62 -0.75 -9.53
N VAL D 160 16.14 0.07 -8.60
CA VAL D 160 15.68 1.42 -8.94
C VAL D 160 16.66 2.49 -8.44
N ASN D 161 17.18 2.32 -7.23
CA ASN D 161 18.14 3.28 -6.72
C ASN D 161 19.52 3.04 -7.31
N GLY D 162 19.75 1.89 -7.93
CA GLY D 162 20.92 1.74 -8.76
C GLY D 162 20.78 2.35 -10.13
N GLY D 163 19.58 2.80 -10.50
CA GLY D 163 19.38 3.45 -11.76
C GLY D 163 19.36 2.48 -12.92
N GLU D 164 19.61 3.03 -14.11
CA GLU D 164 19.64 2.23 -15.33
C GLU D 164 20.92 1.44 -15.48
N SER D 165 21.95 1.74 -14.70
CA SER D 165 23.21 1.01 -14.77
C SER D 165 23.06 -0.31 -14.04
N VAL D 166 23.10 -1.42 -14.80
CA VAL D 166 22.86 -2.73 -14.21
C VAL D 166 23.91 -3.06 -13.16
N ASN D 167 25.14 -2.57 -13.35
CA ASN D 167 26.19 -2.84 -12.37
C ASN D 167 25.85 -2.21 -11.01
N LEU D 168 25.35 -0.97 -11.02
CA LEU D 168 25.10 -0.28 -9.77
C LEU D 168 23.93 -0.88 -9.01
N GLN D 169 22.86 -1.24 -9.72
CA GLN D 169 21.63 -1.65 -9.06
C GLN D 169 21.78 -3.00 -8.36
N GLU D 170 22.58 -3.90 -8.91
CA GLU D 170 22.80 -5.22 -8.34
C GLU D 170 24.15 -5.31 -7.63
N SER D 171 24.80 -4.18 -7.39
CA SER D 171 26.12 -4.20 -6.74
C SER D 171 26.01 -4.73 -5.33
N THR D 172 25.05 -4.22 -4.55
CA THR D 172 24.91 -4.67 -3.17
C THR D 172 24.50 -6.15 -3.10
N LEU D 173 23.59 -6.58 -3.97
CA LEU D 173 23.18 -7.99 -3.95
C LEU D 173 24.30 -8.87 -4.49
N ARG D 174 25.14 -8.32 -5.38
CA ARG D 174 26.35 -9.03 -5.78
C ARG D 174 27.31 -9.22 -4.62
N LYS D 175 27.46 -8.19 -3.78
CA LYS D 175 28.31 -8.32 -2.60
C LYS D 175 27.72 -9.33 -1.62
N CYS D 176 26.40 -9.33 -1.46
CA CYS D 176 25.76 -10.35 -0.63
C CYS D 176 26.01 -11.74 -1.19
N SER D 177 25.92 -11.91 -2.51
CA SER D 177 26.17 -13.20 -3.13
C SER D 177 27.61 -13.67 -2.92
N GLN D 178 28.59 -12.77 -3.08
CA GLN D 178 29.97 -13.12 -2.82
C GLN D 178 30.21 -13.47 -1.35
N CYS D 179 29.62 -12.72 -0.42
CA CYS D 179 29.76 -13.08 0.98
C CYS D 179 29.09 -14.42 1.27
N LEU D 180 27.97 -14.70 0.63
CA LEU D 180 27.28 -15.97 0.82
C LEU D 180 28.14 -17.13 0.34
N GLU D 181 28.77 -16.98 -0.83
CA GLU D 181 29.60 -18.08 -1.32
C GLU D 181 30.84 -18.24 -0.46
N LYS D 182 31.41 -17.14 0.05
CA LYS D 182 32.51 -17.25 0.98
C LYS D 182 32.10 -17.99 2.24
N LEU D 183 30.92 -17.68 2.79
CA LEU D 183 30.45 -18.34 4.00
C LEU D 183 30.20 -19.83 3.76
N VAL D 184 29.52 -20.18 2.66
CA VAL D 184 29.22 -21.57 2.40
C VAL D 184 30.45 -22.36 2.01
N ASN D 185 31.53 -21.69 1.59
CA ASN D 185 32.77 -22.41 1.31
C ASN D 185 33.63 -22.57 2.56
N ASP D 186 33.66 -21.57 3.44
CA ASP D 186 34.52 -21.65 4.61
C ASP D 186 33.99 -22.64 5.64
N TYR D 187 32.69 -22.59 5.93
CA TYR D 187 32.09 -23.41 6.96
C TYR D 187 31.30 -24.58 6.40
N ARG D 188 31.39 -24.82 5.10
CA ARG D 188 30.73 -25.96 4.44
C ARG D 188 29.22 -25.93 4.66
N LEU D 189 28.65 -24.73 4.63
CA LEU D 189 27.21 -24.59 4.84
C LEU D 189 26.43 -25.05 3.61
N VAL D 190 25.21 -25.51 3.86
CA VAL D 190 24.24 -25.81 2.81
C VAL D 190 23.28 -24.64 2.76
N LEU D 191 23.32 -23.86 1.68
CA LEU D 191 22.55 -22.63 1.58
C LEU D 191 21.27 -22.91 0.82
N PHE D 192 20.14 -22.84 1.53
CA PHE D 192 18.81 -22.97 0.93
C PHE D 192 18.25 -21.57 0.77
N ALA D 193 18.36 -21.02 -0.41
CA ALA D 193 17.84 -19.69 -0.69
C ALA D 193 16.45 -19.81 -1.29
N THR D 194 15.60 -18.85 -0.99
CA THR D 194 14.30 -18.75 -1.61
C THR D 194 14.29 -17.51 -2.49
N THR D 195 13.99 -17.70 -3.77
CA THR D 195 13.81 -16.60 -4.69
C THR D 195 12.35 -16.58 -5.13
N GLN D 196 11.72 -15.43 -4.97
CA GLN D 196 10.32 -15.27 -5.31
C GLN D 196 10.21 -15.06 -6.81
N THR D 197 9.38 -15.86 -7.48
CA THR D 197 9.20 -15.66 -8.91
C THR D 197 8.36 -14.40 -9.13
N ILE D 198 8.97 -13.38 -9.73
CA ILE D 198 8.31 -12.12 -9.95
C ILE D 198 8.18 -11.78 -11.42
N MET D 199 8.73 -12.60 -12.31
CA MET D 199 8.66 -12.36 -13.74
C MET D 199 8.21 -13.63 -14.46
N GLN D 200 7.62 -13.43 -15.63
CA GLN D 200 6.90 -14.47 -16.35
C GLN D 200 7.70 -15.11 -17.48
N LYS D 201 8.73 -14.42 -17.99
CA LYS D 201 9.50 -14.89 -19.14
C LYS D 201 8.64 -14.95 -20.39
N ALA D 202 7.99 -13.82 -20.70
CA ALA D 202 7.13 -13.67 -21.87
C ALA D 202 6.04 -14.75 -21.93
N ILE D 221 8.42 -25.74 -16.13
CA ILE D 221 9.47 -24.87 -15.59
C ILE D 221 9.14 -23.41 -15.86
N ASP D 222 8.56 -22.76 -14.86
CA ASP D 222 8.29 -21.32 -14.89
C ASP D 222 9.41 -20.65 -14.11
N TYR D 223 10.45 -20.22 -14.82
CA TYR D 223 11.63 -19.65 -14.17
C TYR D 223 12.28 -18.66 -15.13
N ARG D 224 12.24 -17.38 -14.77
CA ARG D 224 13.04 -16.37 -15.46
C ARG D 224 14.08 -15.83 -14.50
N PRO D 225 15.36 -16.08 -14.71
CA PRO D 225 16.38 -15.53 -13.81
C PRO D 225 16.35 -14.01 -13.83
N TYR D 226 16.49 -13.42 -12.65
CA TYR D 226 16.53 -11.96 -12.52
C TYR D 226 17.60 -11.46 -11.56
N LEU D 227 18.10 -12.29 -10.65
CA LEU D 227 19.15 -11.85 -9.75
C LEU D 227 20.46 -11.69 -10.51
N CYS D 228 21.49 -11.26 -9.79
CA CYS D 228 22.78 -11.02 -10.42
C CYS D 228 23.38 -12.32 -10.92
N LYS D 229 24.18 -12.22 -11.98
CA LYS D 229 24.90 -13.39 -12.49
C LYS D 229 25.93 -13.88 -11.49
N ALA D 230 26.34 -13.05 -10.55
CA ALA D 230 27.26 -13.50 -9.50
C ALA D 230 26.58 -14.43 -8.50
N TRP D 231 25.26 -14.42 -8.44
CA TRP D 231 24.50 -15.35 -7.60
C TRP D 231 24.12 -16.61 -8.36
N GLN D 232 23.77 -16.48 -9.64
CA GLN D 232 23.35 -17.62 -10.42
C GLN D 232 24.45 -18.68 -10.51
N GLN D 233 25.70 -18.23 -10.66
CA GLN D 233 26.80 -19.18 -10.79
C GLN D 233 26.98 -20.01 -9.52
N LEU D 234 26.54 -19.48 -8.37
CA LEU D 234 26.70 -20.21 -7.12
C LEU D 234 25.69 -21.34 -6.98
N VAL D 235 24.50 -21.16 -7.56
CA VAL D 235 23.42 -22.11 -7.32
C VAL D 235 23.76 -23.45 -7.93
N LYS D 236 23.66 -24.51 -7.12
CA LYS D 236 23.88 -25.87 -7.58
C LYS D 236 22.61 -26.51 -8.09
N HIS D 237 21.56 -26.50 -7.27
CA HIS D 237 20.25 -27.03 -7.65
C HIS D 237 19.21 -25.94 -7.52
N ARG D 238 18.28 -25.90 -8.48
CA ARG D 238 17.12 -25.02 -8.40
C ARG D 238 15.89 -25.90 -8.25
N MET D 239 15.10 -25.65 -7.21
CA MET D 239 13.91 -26.43 -6.93
C MET D 239 12.71 -25.51 -7.11
N PHE D 240 11.91 -25.80 -8.12
CA PHE D 240 10.75 -24.99 -8.48
C PHE D 240 9.51 -25.59 -7.84
N PHE D 241 8.70 -24.74 -7.23
CA PHE D 241 7.51 -25.14 -6.50
C PHE D 241 6.25 -24.78 -7.27
N SER D 242 5.21 -25.60 -7.08
CA SER D 242 3.90 -25.30 -7.63
C SER D 242 2.86 -26.04 -6.78
N LYS D 243 1.61 -25.58 -6.89
CA LYS D 243 0.50 -26.20 -6.18
C LYS D 243 -0.55 -26.64 -7.18
N GLN D 244 -1.12 -27.83 -6.96
CA GLN D 244 -2.12 -28.39 -7.85
C GLN D 244 -3.51 -28.23 -7.22
N ASP D 245 -4.41 -27.60 -7.96
CA ASP D 245 -5.78 -27.40 -7.49
C ASP D 245 -6.60 -28.68 -7.62
N SER D 250 -5.69 -28.14 -3.60
CA SER D 250 -4.56 -27.27 -3.31
C SER D 250 -3.62 -27.93 -2.31
N ASN D 251 -3.96 -29.12 -1.86
CA ASN D 251 -3.14 -29.80 -0.86
C ASN D 251 -1.86 -30.37 -1.48
N GLN D 252 -1.91 -30.76 -2.75
CA GLN D 252 -0.75 -31.37 -3.40
C GLN D 252 0.17 -30.31 -3.98
N PHE D 253 1.47 -30.52 -3.83
CA PHE D 253 2.48 -29.60 -4.30
C PHE D 253 3.50 -30.36 -5.13
N SER D 254 3.94 -29.74 -6.22
CA SER D 254 4.91 -30.31 -7.14
C SER D 254 6.22 -29.55 -7.01
N LEU D 255 7.31 -30.28 -6.85
CA LEU D 255 8.65 -29.72 -6.82
C LEU D 255 9.45 -30.29 -7.98
N VAL D 256 10.21 -29.43 -8.66
CA VAL D 256 11.06 -29.85 -9.76
C VAL D 256 12.48 -29.45 -9.41
N SER D 257 13.33 -30.44 -9.16
CA SER D 257 14.71 -30.20 -8.78
C SER D 257 15.58 -30.35 -10.02
N ARG D 258 16.17 -29.24 -10.48
CA ARG D 258 17.04 -29.23 -11.64
C ARG D 258 18.47 -28.99 -11.15
N CYS D 259 19.34 -29.95 -11.45
CA CYS D 259 20.77 -29.85 -11.14
C CYS D 259 21.47 -29.17 -12.31
N LEU D 260 22.16 -28.07 -12.01
CA LEU D 260 22.74 -27.25 -13.06
C LEU D 260 24.02 -27.84 -13.61
N LYS D 261 24.86 -28.44 -12.76
CA LYS D 261 26.10 -29.04 -13.22
C LYS D 261 25.85 -30.22 -14.15
N SER D 262 24.67 -30.84 -14.07
CA SER D 262 24.25 -31.86 -15.00
C SER D 262 23.00 -31.50 -15.78
N ASN D 263 22.33 -30.41 -15.43
CA ASN D 263 21.06 -30.00 -16.03
C ASN D 263 20.08 -31.18 -16.03
N SER D 264 19.93 -31.82 -14.88
CA SER D 264 19.08 -33.00 -14.74
C SER D 264 17.84 -32.63 -13.94
N LEU D 265 16.68 -33.01 -14.46
CA LEU D 265 15.40 -32.68 -13.83
C LEU D 265 14.85 -33.90 -13.12
N LYS D 266 14.43 -33.71 -11.87
CA LYS D 266 13.78 -34.74 -11.07
C LYS D 266 12.47 -34.18 -10.54
N LYS D 267 11.43 -34.98 -10.56
CA LYS D 267 10.10 -34.55 -10.14
C LYS D 267 9.76 -35.15 -8.78
N HIS D 268 9.22 -34.31 -7.90
CA HIS D 268 8.77 -34.72 -6.58
C HIS D 268 7.37 -34.20 -6.34
N PHE D 269 6.59 -34.95 -5.56
CA PHE D 269 5.27 -34.52 -5.14
C PHE D 269 5.20 -34.65 -3.63
N PHE D 270 4.72 -33.60 -2.96
CA PHE D 270 4.65 -33.59 -1.51
C PHE D 270 3.38 -32.90 -1.05
N ILE D 271 2.97 -33.19 0.18
CA ILE D 271 1.83 -32.55 0.79
C ILE D 271 2.29 -31.82 2.04
N ILE D 272 1.51 -30.81 2.42
CA ILE D 272 1.71 -30.09 3.66
C ILE D 272 0.48 -30.27 4.54
N GLY D 273 0.70 -30.72 5.76
CA GLY D 273 -0.32 -30.77 6.77
C GLY D 273 0.20 -30.23 8.07
N GLU D 274 -0.52 -30.48 9.17
CA GLU D 274 -0.07 -30.00 10.47
C GLU D 274 1.26 -30.62 10.89
N SER D 275 1.66 -31.71 10.24
CA SER D 275 2.93 -32.36 10.58
C SER D 275 4.12 -31.60 10.00
N GLY D 276 3.95 -30.99 8.83
CA GLY D 276 5.05 -30.36 8.13
C GLY D 276 4.98 -30.62 6.64
N VAL D 277 6.02 -31.23 6.09
CA VAL D 277 6.04 -31.65 4.69
C VAL D 277 6.20 -33.16 4.65
N GLU D 278 5.28 -33.83 3.95
CA GLU D 278 5.32 -35.29 3.78
C GLU D 278 5.43 -35.58 2.29
N PHE D 279 6.50 -36.24 1.88
CA PHE D 279 6.74 -36.49 0.46
C PHE D 279 5.98 -37.74 0.01
N CYS D 280 5.24 -37.60 -1.09
CA CYS D 280 4.47 -38.70 -1.63
C CYS D 280 5.38 -39.73 -2.32
PG ANP F . -26.45 10.70 -19.58
O1G ANP F . -26.17 12.08 -20.06
O2G ANP F . -26.34 9.69 -20.78
O3G ANP F . -25.40 10.31 -18.45
PB ANP F . -28.14 11.70 -17.64
O1B ANP F . -27.96 13.10 -18.12
O2B ANP F . -27.06 11.36 -16.58
N3B ANP F . -28.01 10.63 -18.92
PA ANP F . -30.46 12.83 -16.85
O1A ANP F . -30.15 13.53 -15.59
O2A ANP F . -30.27 13.67 -18.11
O3A ANP F . -29.56 11.55 -17.01
O5' ANP F . -31.94 12.27 -16.74
C5' ANP F . -33.06 13.10 -17.08
C4' ANP F . -34.33 12.38 -16.71
O4' ANP F . -35.20 13.27 -15.99
C3' ANP F . -35.15 11.87 -17.89
O3' ANP F . -35.92 10.74 -17.53
C2' ANP F . -36.04 13.08 -18.21
O2' ANP F . -37.27 12.69 -18.82
C1' ANP F . -36.30 13.65 -16.81
N9 ANP F . -36.40 15.11 -16.78
C8 ANP F . -35.43 16.01 -17.14
N7 ANP F . -35.79 17.26 -17.01
C5 ANP F . -37.09 17.18 -16.53
C6 ANP F . -38.04 18.17 -16.19
N6 ANP F . -37.80 19.48 -16.28
N1 ANP F . -39.24 17.74 -15.75
C2 ANP F . -39.48 16.43 -15.66
N3 ANP F . -38.66 15.41 -15.95
C4 ANP F . -37.48 15.86 -16.38
PG ANP G . -14.00 -1.13 -1.49
O1G ANP G . -14.52 0.13 -2.10
O2G ANP G . -14.47 -2.35 -2.34
O3G ANP G . -12.42 -1.09 -1.47
PB ANP G . -15.25 -2.80 0.34
O1B ANP G . -14.89 -3.69 -0.79
O2B ANP G . -14.72 -3.42 1.65
N3B ANP G . -14.57 -1.28 0.10
PA ANP G . -17.41 -2.54 1.92
O1A ANP G . -16.57 -3.20 2.93
O2A ANP G . -17.63 -1.03 2.13
O3A ANP G . -16.79 -2.70 0.48
O5' ANP G . -18.78 -3.32 1.89
C5' ANP G . -19.90 -2.82 1.15
C4' ANP G . -21.10 -3.63 1.57
O4' ANP G . -21.13 -3.73 3.00
C3' ANP G . -22.45 -3.03 1.20
O3' ANP G . -22.80 -3.35 -0.14
C2' ANP G . -23.39 -3.71 2.21
O2' ANP G . -23.87 -4.95 1.72
C1' ANP G . -22.48 -3.94 3.42
N9 ANP G . -22.75 -3.06 4.55
C8 ANP G . -22.17 -1.86 4.82
N7 ANP G . -22.62 -1.27 5.91
C5 ANP G . -23.58 -2.17 6.38
C6 ANP G . -24.43 -2.15 7.50
N6 ANP G . -24.45 -1.15 8.39
N1 ANP G . -25.26 -3.19 7.69
C2 ANP G . -25.23 -4.20 6.80
N3 ANP G . -24.47 -4.33 5.70
C4 ANP G . -23.67 -3.28 5.55
PG ANP H . 5.91 -17.06 0.42
O1G ANP H . 5.79 -17.03 1.91
O2G ANP H . 5.38 -15.69 -0.16
O3G ANP H . 7.43 -17.26 0.04
PB ANP H . 5.64 -19.78 0.21
O1B ANP H . 6.62 -19.56 1.32
O2B ANP H . 6.36 -20.43 -1.01
N3B ANP H . 4.98 -18.31 -0.22
PA ANP H . 4.53 -21.20 2.21
O1A ANP H . 5.51 -22.28 2.43
O2A ANP H . 4.76 -19.98 3.08
O3A ANP H . 4.51 -20.72 0.70
O5' ANP H . 3.11 -21.82 2.45
C5' ANP H . 2.98 -23.22 2.74
C4' ANP H . 1.75 -23.76 2.06
O4' ANP H . 1.19 -24.81 2.87
C3' ANP H . 0.62 -22.75 1.86
O3' ANP H . -0.15 -23.08 0.72
C2' ANP H . -0.19 -22.92 3.15
O2' ANP H . -1.57 -22.59 2.94
C1' ANP H . -0.05 -24.42 3.41
N9 ANP H . -0.06 -24.76 4.83
C8 ANP H . 0.55 -24.08 5.85
N7 ANP H . 0.37 -24.62 7.03
C5 ANP H . -0.41 -25.73 6.77
C6 ANP H . -0.95 -26.73 7.60
N6 ANP H . -0.78 -26.76 8.92
N1 ANP H . -1.69 -27.70 7.01
C2 ANP H . -1.87 -27.67 5.70
N3 ANP H . -1.42 -26.78 4.81
C4 ANP H . -0.68 -25.83 5.41
#